data_3Q1J
# 
_entry.id   3Q1J 
# 
_audit_conform.dict_name       mmcif_pdbx.dic 
_audit_conform.dict_version    5.379 
_audit_conform.dict_location   http://mmcif.pdb.org/dictionaries/ascii/mmcif_pdbx.dic 
# 
loop_
_database_2.database_id 
_database_2.database_code 
_database_2.pdbx_database_accession 
_database_2.pdbx_DOI 
PDB   3Q1J         pdb_00003q1j 10.2210/pdb3q1j/pdb 
RCSB  RCSB063077   ?            ?                   
WWPDB D_1000063077 ?            ?                   
# 
_pdbx_database_status.entry_id                        3Q1J 
_pdbx_database_status.status_code                     REL 
_pdbx_database_status.deposit_site                    RCSB 
_pdbx_database_status.process_site                    RCSB 
_pdbx_database_status.recvd_initial_deposition_date   2010-12-17 
_pdbx_database_status.status_code_sf                  REL 
_pdbx_database_status.status_code_mr                  ? 
_pdbx_database_status.SG_entry                        Y 
_pdbx_database_status.status_code_cs                  ? 
_pdbx_database_status.pdb_format_compatible           Y 
_pdbx_database_status.methods_development_category    ? 
_pdbx_database_status.status_code_nmr_data            ? 
# 
loop_
_audit_author.name 
_audit_author.pdbx_ordinal 
'Tempel, W.'                           1  
'Li, Z.'                               2  
'Wernimont, A.K.'                      3  
'Chao, X.'                             4  
'Bian, C.'                             5  
'Lam, R.'                              6  
'Crombet, L.'                          7  
'Bountra, C.'                          8  
'Weigelt, J.'                          9  
'Arrowsmith, C.H.'                     10 
'Edwards, A.M.'                        11 
'Min, J.'                              12 
'Structural Genomics Consortium (SGC)' 13 
# 
_citation.id                        primary 
_citation.title                     
'Crystal structures of the Tudor domains of human PHF20 reveal novel structural variations on the Royal Family of proteins.' 
_citation.journal_abbrev            'Febs Lett.' 
_citation.journal_volume            586 
_citation.page_first                859 
_citation.page_last                 865 
_citation.year                      2012 
_citation.journal_id_ASTM           FEBLAL 
_citation.country                   NE 
_citation.journal_id_ISSN           0014-5793 
_citation.journal_id_CSD            0165 
_citation.book_publisher            ? 
_citation.pdbx_database_id_PubMed   22449972 
_citation.pdbx_database_id_DOI      10.1016/j.febslet.2012.02.012 
# 
loop_
_citation_author.citation_id 
_citation_author.name 
_citation_author.ordinal 
_citation_author.identifier_ORCID 
primary 'Adams-Cioaba, M.A.' 1 ? 
primary 'Li, Z.'             2 ? 
primary 'Tempel, W.'         3 ? 
primary 'Guo, Y.'            4 ? 
primary 'Bian, C.'           5 ? 
primary 'Li, Y.'             6 ? 
primary 'Lam, R.'            7 ? 
primary 'Min, J.'            8 ? 
# 
_cell.entry_id           3Q1J 
_cell.length_a           60.498 
_cell.length_b           41.062 
_cell.length_c           28.632 
_cell.angle_alpha        90.000 
_cell.angle_beta         110.330 
_cell.angle_gamma        90.000 
_cell.pdbx_unique_axis   ? 
_cell.Z_PDB              4 
_cell.length_a_esd       ? 
_cell.length_b_esd       ? 
_cell.length_c_esd       ? 
_cell.angle_alpha_esd    ? 
_cell.angle_beta_esd     ? 
_cell.angle_gamma_esd    ? 
# 
_symmetry.entry_id                         3Q1J 
_symmetry.space_group_name_H-M             'C 1 2 1' 
_symmetry.Int_Tables_number                5 
_symmetry.pdbx_full_space_group_name_H-M   ? 
_symmetry.cell_setting                     ? 
_symmetry.space_group_name_Hall            ? 
# 
loop_
_entity.id 
_entity.type 
_entity.src_method 
_entity.pdbx_description 
_entity.formula_weight 
_entity.pdbx_number_of_molecules 
_entity.pdbx_ec 
_entity.pdbx_mutation 
_entity.pdbx_fragment 
_entity.details 
1 polymer     man 'PHD finger protein 20' 8211.169 1 ? ? 'residues 1-81' ? 
2 non-polymer syn 'UNKNOWN ATOM OR ION'   ?        1 ? ? ?               ? 
3 water       nat water                   18.015   5 ? ? ?               ? 
# 
_entity_name_com.entity_id   1 
_entity_name_com.name        
'Glioma-expressed antigen 2, Hepatocellular carcinoma-associated antigen 58, Novel zinc finger protein, Transcription factor TZP' 
# 
_entity_poly.entity_id                      1 
_entity_poly.type                           'polypeptide(L)' 
_entity_poly.nstd_linkage                   no 
_entity_poly.nstd_monomer                   no 
_entity_poly.pdbx_seq_one_letter_code       HPPNRRGISFEVGAQLEARDRLKNWYPAHIEDIDYEEGKVLIHFKRWNHRYDEWFCWDSPYLRPLE 
_entity_poly.pdbx_seq_one_letter_code_can   HPPNRRGISFEVGAQLEARDRLKNWYPAHIEDIDYEEGKVLIHFKRWNHRYDEWFCWDSPYLRPLE 
_entity_poly.pdbx_strand_id                 A 
_entity_poly.pdbx_target_identifier         ? 
# 
loop_
_entity_poly_seq.entity_id 
_entity_poly_seq.num 
_entity_poly_seq.mon_id 
_entity_poly_seq.hetero 
1 1  HIS n 
1 2  PRO n 
1 3  PRO n 
1 4  ASN n 
1 5  ARG n 
1 6  ARG n 
1 7  GLY n 
1 8  ILE n 
1 9  SER n 
1 10 PHE n 
1 11 GLU n 
1 12 VAL n 
1 13 GLY n 
1 14 ALA n 
1 15 GLN n 
1 16 LEU n 
1 17 GLU n 
1 18 ALA n 
1 19 ARG n 
1 20 ASP n 
1 21 ARG n 
1 22 LEU n 
1 23 LYS n 
1 24 ASN n 
1 25 TRP n 
1 26 TYR n 
1 27 PRO n 
1 28 ALA n 
1 29 HIS n 
1 30 ILE n 
1 31 GLU n 
1 32 ASP n 
1 33 ILE n 
1 34 ASP n 
1 35 TYR n 
1 36 GLU n 
1 37 GLU n 
1 38 GLY n 
1 39 LYS n 
1 40 VAL n 
1 41 LEU n 
1 42 ILE n 
1 43 HIS n 
1 44 PHE n 
1 45 LYS n 
1 46 ARG n 
1 47 TRP n 
1 48 ASN n 
1 49 HIS n 
1 50 ARG n 
1 51 TYR n 
1 52 ASP n 
1 53 GLU n 
1 54 TRP n 
1 55 PHE n 
1 56 CYS n 
1 57 TRP n 
1 58 ASP n 
1 59 SER n 
1 60 PRO n 
1 61 TYR n 
1 62 LEU n 
1 63 ARG n 
1 64 PRO n 
1 65 LEU n 
1 66 GLU n 
# 
_entity_src_gen.entity_id                          1 
_entity_src_gen.pdbx_src_id                        1 
_entity_src_gen.pdbx_alt_source_flag               sample 
_entity_src_gen.pdbx_seq_type                      ? 
_entity_src_gen.pdbx_beg_seq_num                   ? 
_entity_src_gen.pdbx_end_seq_num                   ? 
_entity_src_gen.gene_src_common_name               human 
_entity_src_gen.gene_src_genus                     ? 
_entity_src_gen.pdbx_gene_src_gene                 'PHF20, C20orf104, GLEA2, HCA58, NZF, TZP' 
_entity_src_gen.gene_src_species                   ? 
_entity_src_gen.gene_src_strain                    ? 
_entity_src_gen.gene_src_tissue                    ? 
_entity_src_gen.gene_src_tissue_fraction           ? 
_entity_src_gen.gene_src_details                   ? 
_entity_src_gen.pdbx_gene_src_fragment             ? 
_entity_src_gen.pdbx_gene_src_scientific_name      'Homo sapiens' 
_entity_src_gen.pdbx_gene_src_ncbi_taxonomy_id     9606 
_entity_src_gen.pdbx_gene_src_variant              ? 
_entity_src_gen.pdbx_gene_src_cell_line            ? 
_entity_src_gen.pdbx_gene_src_atcc                 ? 
_entity_src_gen.pdbx_gene_src_organ                ? 
_entity_src_gen.pdbx_gene_src_organelle            ? 
_entity_src_gen.pdbx_gene_src_cell                 ? 
_entity_src_gen.pdbx_gene_src_cellular_location    ? 
_entity_src_gen.host_org_common_name               ? 
_entity_src_gen.pdbx_host_org_scientific_name      'Escherichia coli' 
_entity_src_gen.pdbx_host_org_ncbi_taxonomy_id     469008 
_entity_src_gen.host_org_genus                     ? 
_entity_src_gen.pdbx_host_org_gene                 ? 
_entity_src_gen.pdbx_host_org_organ                ? 
_entity_src_gen.host_org_species                   ? 
_entity_src_gen.pdbx_host_org_tissue               ? 
_entity_src_gen.pdbx_host_org_tissue_fraction      ? 
_entity_src_gen.pdbx_host_org_strain               'BL21 (DE3) Codon plus RIL (Stratagene)' 
_entity_src_gen.pdbx_host_org_variant              ? 
_entity_src_gen.pdbx_host_org_cell_line            ? 
_entity_src_gen.pdbx_host_org_atcc                 ? 
_entity_src_gen.pdbx_host_org_culture_collection   ? 
_entity_src_gen.pdbx_host_org_cell                 ? 
_entity_src_gen.pdbx_host_org_organelle            ? 
_entity_src_gen.pdbx_host_org_cellular_location    ? 
_entity_src_gen.pdbx_host_org_vector_type          plasmid 
_entity_src_gen.pdbx_host_org_vector               ? 
_entity_src_gen.host_org_details                   ? 
_entity_src_gen.expression_system_id               ? 
_entity_src_gen.plasmid_name                       pET28-MHL 
_entity_src_gen.plasmid_details                    ? 
_entity_src_gen.pdbx_description                   ? 
# 
_struct_ref.id                         1 
_struct_ref.db_name                    UNP 
_struct_ref.db_code                    PHF20_HUMAN 
_struct_ref.pdbx_db_accession          Q9BVI0 
_struct_ref.entity_id                  1 
_struct_ref.pdbx_seq_one_letter_code   HPPNRRGISFEVGAQLEARDRLKNWYPAHIEDIDYEEGKVLIHFKRWNHRYDEWFCWDSPYLRPLE 
_struct_ref.pdbx_align_begin           4 
_struct_ref.pdbx_db_isoform            ? 
# 
_struct_ref_seq.align_id                      1 
_struct_ref_seq.ref_id                        1 
_struct_ref_seq.pdbx_PDB_id_code              3Q1J 
_struct_ref_seq.pdbx_strand_id                A 
_struct_ref_seq.seq_align_beg                 1 
_struct_ref_seq.pdbx_seq_align_beg_ins_code   ? 
_struct_ref_seq.seq_align_end                 66 
_struct_ref_seq.pdbx_seq_align_end_ins_code   ? 
_struct_ref_seq.pdbx_db_accession             Q9BVI0 
_struct_ref_seq.db_align_beg                  4 
_struct_ref_seq.pdbx_db_align_beg_ins_code    ? 
_struct_ref_seq.db_align_end                  69 
_struct_ref_seq.pdbx_db_align_end_ins_code    ? 
_struct_ref_seq.pdbx_auth_seq_align_beg       4 
_struct_ref_seq.pdbx_auth_seq_align_end       69 
# 
loop_
_chem_comp.id 
_chem_comp.type 
_chem_comp.mon_nstd_flag 
_chem_comp.name 
_chem_comp.pdbx_synonyms 
_chem_comp.formula 
_chem_comp.formula_weight 
ALA 'L-peptide linking' y ALANINE               ? 'C3 H7 N O2'     89.093  
ARG 'L-peptide linking' y ARGININE              ? 'C6 H15 N4 O2 1' 175.209 
ASN 'L-peptide linking' y ASPARAGINE            ? 'C4 H8 N2 O3'    132.118 
ASP 'L-peptide linking' y 'ASPARTIC ACID'       ? 'C4 H7 N O4'     133.103 
CYS 'L-peptide linking' y CYSTEINE              ? 'C3 H7 N O2 S'   121.158 
GLN 'L-peptide linking' y GLUTAMINE             ? 'C5 H10 N2 O3'   146.144 
GLU 'L-peptide linking' y 'GLUTAMIC ACID'       ? 'C5 H9 N O4'     147.129 
GLY 'peptide linking'   y GLYCINE               ? 'C2 H5 N O2'     75.067  
HIS 'L-peptide linking' y HISTIDINE             ? 'C6 H10 N3 O2 1' 156.162 
HOH non-polymer         . WATER                 ? 'H2 O'           18.015  
ILE 'L-peptide linking' y ISOLEUCINE            ? 'C6 H13 N O2'    131.173 
LEU 'L-peptide linking' y LEUCINE               ? 'C6 H13 N O2'    131.173 
LYS 'L-peptide linking' y LYSINE                ? 'C6 H15 N2 O2 1' 147.195 
PHE 'L-peptide linking' y PHENYLALANINE         ? 'C9 H11 N O2'    165.189 
PRO 'L-peptide linking' y PROLINE               ? 'C5 H9 N O2'     115.130 
SER 'L-peptide linking' y SERINE                ? 'C3 H7 N O3'     105.093 
TRP 'L-peptide linking' y TRYPTOPHAN            ? 'C11 H12 N2 O2'  204.225 
TYR 'L-peptide linking' y TYROSINE              ? 'C9 H11 N O3'    181.189 
UNX non-polymer         . 'UNKNOWN ATOM OR ION' ? ?                ?       
VAL 'L-peptide linking' y VALINE                ? 'C5 H11 N O2'    117.146 
# 
_exptl.crystals_number   1 
_exptl.entry_id          3Q1J 
_exptl.method            'X-RAY DIFFRACTION' 
# 
_exptl_crystal.id                    1 
_exptl_crystal.density_percent_sol   39.43 
_exptl_crystal.density_Matthews      2.03 
_exptl_crystal.density_meas          ? 
_exptl_crystal.description           ? 
_exptl_crystal.F_000                 ? 
_exptl_crystal.preparation           ? 
# 
_exptl_crystal_grow.crystal_id      1 
_exptl_crystal_grow.method          'VAPOR DIFFUSION, SITTING DROP' 
_exptl_crystal_grow.pH              5.5 
_exptl_crystal_grow.temp            291 
_exptl_crystal_grow.pdbx_details    
;25% PEG-3350, 0.2M ammonium acetate, 0.1M bis-tris. Prior to freezing, a cluster of thin rods was transferred to a drop of paratone oil. A fragment of the cluster was frozen in a stream of cold nitrogen., pH 5.5, vapor diffusion, sitting drop, temperature 291K, VAPOR DIFFUSION, SITTING DROP
;
_exptl_crystal_grow.temp_details    ? 
_exptl_crystal_grow.pdbx_pH_range   ? 
# 
_diffrn.id                     1 
_diffrn.ambient_temp           ? 
_diffrn.ambient_temp_details   ? 
_diffrn.crystal_id             1 
# 
_diffrn_detector.diffrn_id              1 
_diffrn_detector.detector               'IMAGE PLATE' 
_diffrn_detector.type                   'RIGAKU RAXIS' 
_diffrn_detector.pdbx_collection_date   2010-10-06 
_diffrn_detector.details                ? 
# 
_diffrn_radiation.diffrn_id                        1 
_diffrn_radiation.pdbx_diffrn_protocol             'SINGLE WAVELENGTH' 
_diffrn_radiation.monochromator                    ? 
_diffrn_radiation.wavelength_id                    1 
_diffrn_radiation.pdbx_monochromatic_or_laue_m_l   M 
_diffrn_radiation.pdbx_scattering_type             x-ray 
# 
_diffrn_radiation_wavelength.id           1 
_diffrn_radiation_wavelength.wavelength   1.5418 
_diffrn_radiation_wavelength.wt           1.0 
# 
_diffrn_source.diffrn_id                   1 
_diffrn_source.source                      'ROTATING ANODE' 
_diffrn_source.type                        'RIGAKU FR-E' 
_diffrn_source.pdbx_wavelength_list        1.5418 
_diffrn_source.pdbx_wavelength             ? 
_diffrn_source.pdbx_synchrotron_site       ? 
_diffrn_source.pdbx_synchrotron_beamline   ? 
# 
_reflns.entry_id                     3Q1J 
_reflns.d_resolution_high            2.350 
_reflns.d_resolution_low             20.000 
_reflns.number_obs                   2828 
_reflns.pdbx_Rmerge_I_obs            0.100 
_reflns.pdbx_netI_over_sigmaI        9.100 
_reflns.pdbx_chi_squared             1.927 
_reflns.pdbx_redundancy              3.400 
_reflns.percent_possible_obs         99.800 
_reflns.observed_criterion_sigma_F   ? 
_reflns.observed_criterion_sigma_I   ? 
_reflns.number_all                   ? 
_reflns.pdbx_Rsym_value              ? 
_reflns.B_iso_Wilson_estimate        ? 
_reflns.R_free_details               ? 
_reflns.limit_h_max                  ? 
_reflns.limit_h_min                  ? 
_reflns.limit_k_max                  ? 
_reflns.limit_k_min                  ? 
_reflns.limit_l_max                  ? 
_reflns.limit_l_min                  ? 
_reflns.observed_criterion_F_max     ? 
_reflns.observed_criterion_F_min     ? 
_reflns.pdbx_scaling_rejects         ? 
_reflns.pdbx_ordinal                 1 
_reflns.pdbx_diffrn_id               1 
# 
loop_
_reflns_shell.d_res_high 
_reflns_shell.d_res_low 
_reflns_shell.number_measured_obs 
_reflns_shell.number_measured_all 
_reflns_shell.number_unique_obs 
_reflns_shell.Rmerge_I_obs 
_reflns_shell.meanI_over_sigI_obs 
_reflns_shell.pdbx_Rsym_value 
_reflns_shell.pdbx_chi_squared 
_reflns_shell.pdbx_redundancy 
_reflns_shell.percent_possible_obs 
_reflns_shell.number_unique_all 
_reflns_shell.percent_possible_all 
_reflns_shell.pdbx_ordinal 
_reflns_shell.pdbx_diffrn_id 
2.350 2.430  ? ? ? 0.654 ? ? 1.637 3.300 ? 288 100.000 1  1 
2.430 2.530  ? ? ? 0.560 ? ? 1.240 3.400 ? 275 100.000 2  1 
2.530 2.650  ? ? ? 0.392 ? ? 1.430 3.500 ? 285 100.000 3  1 
2.650 2.790  ? ? ? 0.334 ? ? 1.411 3.500 ? 270 99.600  4  1 
2.790 2.960  ? ? ? 0.220 ? ? 1.434 3.500 ? 284 99.600  5  1 
2.960 3.190  ? ? ? 0.149 ? ? 1.800 3.500 ? 282 100.000 6  1 
3.190 3.510  ? ? ? 0.114 ? ? 2.160 3.500 ? 280 99.600  7  1 
3.510 4.010  ? ? ? 0.076 ? ? 2.306 3.500 ? 282 99.300  8  1 
4.010 5.040  ? ? ? 0.060 ? ? 2.551 3.400 ? 287 100.000 9  1 
5.040 20.000 ? ? ? 0.059 ? ? 3.279 3.300 ? 295 99.300  10 1 
# 
_refine.entry_id                                 3Q1J 
_refine.ls_d_res_high                            2.3500 
_refine.ls_d_res_low                             19.0800 
_refine.pdbx_ls_sigma_F                          0.000 
_refine.pdbx_data_cutoff_high_absF               ? 
_refine.pdbx_data_cutoff_low_absF                ? 
_refine.ls_percent_reflns_obs                    ? 
_refine.ls_number_reflns_obs                     2804 
_refine.ls_number_reflns_all                     ? 
_refine.pdbx_ls_cross_valid_method               THROUGHOUT 
_refine.pdbx_R_Free_selection_details            RANDOM 
_refine.details                                  
;The programs molrep, chainsaw, phenix, refmac, coot and the ffas03 and molprobity servers where also used in the course of refinement
;
_refine.ls_R_factor_all                          ? 
_refine.ls_R_factor_obs                          0.2074 
_refine.ls_R_factor_R_work                       0.2050 
_refine.ls_wR_factor_R_work                      ? 
_refine.ls_R_factor_R_free                       0.2601 
_refine.ls_wR_factor_R_free                      ? 
_refine.ls_percent_reflns_R_free                 4.6700 
_refine.ls_number_reflns_R_free                  131 
_refine.ls_R_factor_R_free_error                 ? 
_refine.B_iso_mean                               43.4265 
_refine.solvent_model_param_bsol                 ? 
_refine.solvent_model_param_ksol                 ? 
_refine.pdbx_isotropic_thermal_model             ? 
_refine.aniso_B[1][1]                            -10.0894 
_refine.aniso_B[2][2]                            8.2424 
_refine.aniso_B[3][3]                            1.8470 
_refine.aniso_B[1][2]                            0.0000 
_refine.aniso_B[1][3]                            -14.2796 
_refine.aniso_B[2][3]                            0.0000 
_refine.correlation_coeff_Fo_to_Fc               0.9033 
_refine.correlation_coeff_Fo_to_Fc_free          0.8819 
_refine.overall_SU_R_Cruickshank_DPI             ? 
_refine.overall_SU_R_free                        ? 
_refine.pdbx_overall_ESU_R_Free                  ? 
_refine.overall_SU_ML                            ? 
_refine.overall_SU_B                             ? 
_refine.solvent_model_details                    ? 
_refine.pdbx_solvent_vdw_probe_radii             ? 
_refine.pdbx_solvent_ion_probe_radii             ? 
_refine.pdbx_solvent_shrinkage_radii             ? 
_refine.ls_number_parameters                     ? 
_refine.ls_number_restraints                     ? 
_refine.pdbx_starting_model                      'pdb entries 2rhu, 2eqm' 
_refine.pdbx_method_to_determine_struct          'MOLECULAR REPLACEMENT' 
_refine.pdbx_stereochemistry_target_values       ? 
_refine.pdbx_stereochem_target_val_spec_case     ? 
_refine.overall_FOM_work_R_set                   ? 
_refine.B_iso_max                                109.130 
_refine.B_iso_min                                25.970 
_refine.occupancy_max                            1.000 
_refine.occupancy_min                            0.300 
_refine.pdbx_ls_sigma_I                          ? 
_refine.ls_redundancy_reflns_obs                 ? 
_refine.ls_R_factor_R_free_error_details         ? 
_refine.pdbx_data_cutoff_high_rms_absF           ? 
_refine.overall_FOM_free_R_set                   ? 
_refine.pdbx_overall_phase_error                 ? 
_refine.pdbx_refine_id                           'X-RAY DIFFRACTION' 
_refine.pdbx_overall_ESU_R                       ? 
_refine.pdbx_diffrn_id                           1 
_refine.pdbx_TLS_residual_ADP_flag               ? 
_refine.pdbx_overall_SU_R_free_Cruickshank_DPI   ? 
_refine.pdbx_overall_SU_R_Blow_DPI               ? 
_refine.pdbx_overall_SU_R_free_Blow_DPI          ? 
# 
_refine_analyze.entry_id                        3Q1J 
_refine_analyze.Luzzati_coordinate_error_obs    0.307 
_refine_analyze.Luzzati_sigma_a_obs             ? 
_refine_analyze.Luzzati_d_res_low_obs           ? 
_refine_analyze.Luzzati_coordinate_error_free   ? 
_refine_analyze.Luzzati_sigma_a_free            ? 
_refine_analyze.Luzzati_d_res_low_free          ? 
_refine_analyze.number_disordered_residues      ? 
_refine_analyze.occupancy_sum_non_hydrogen      ? 
_refine_analyze.occupancy_sum_hydrogen          ? 
_refine_analyze.pdbx_Luzzati_d_res_high_obs     ? 
_refine_analyze.pdbx_refine_id                  'X-RAY DIFFRACTION' 
# 
_refine_hist.pdbx_refine_id                   'X-RAY DIFFRACTION' 
_refine_hist.cycle_id                         LAST 
_refine_hist.pdbx_number_atoms_protein        549 
_refine_hist.pdbx_number_atoms_nucleic_acid   0 
_refine_hist.pdbx_number_atoms_ligand         1 
_refine_hist.number_atoms_solvent             5 
_refine_hist.number_atoms_total               555 
_refine_hist.d_res_high                       2.3500 
_refine_hist.d_res_low                        19.0800 
# 
loop_
_refine_ls_restr.type 
_refine_ls_restr.number 
_refine_ls_restr.dev_ideal 
_refine_ls_restr.dev_ideal_target 
_refine_ls_restr.weight 
_refine_ls_restr.pdbx_refine_id 
_refine_ls_restr.pdbx_restraint_function 
t_dihedral_angle_d        182 ?      ? 2.000  'X-RAY DIFFRACTION' ? 
t_trig_c_planes           14  ?      ? 2.000  'X-RAY DIFFRACTION' ? 
t_gen_planes              85  ?      ? 5.000  'X-RAY DIFFRACTION' ? 
t_it                      575 ?      ? 20.000 'X-RAY DIFFRACTION' ? 
t_nbd                     ?   ?      ? ?      'X-RAY DIFFRACTION' ? 
t_improper_torsion        ?   ?      ? ?      'X-RAY DIFFRACTION' ? 
t_pseud_angle             ?   ?      ? ?      'X-RAY DIFFRACTION' ? 
t_chiral_improper_torsion 68  ?      ? 5.000  'X-RAY DIFFRACTION' ? 
t_sum_occupancies         ?   ?      ? ?      'X-RAY DIFFRACTION' ? 
t_utility_distance        ?   ?      ? ?      'X-RAY DIFFRACTION' ? 
t_utility_angle           ?   ?      ? ?      'X-RAY DIFFRACTION' ? 
t_utility_torsion         ?   ?      ? ?      'X-RAY DIFFRACTION' ? 
t_ideal_dist_contact      632 ?      ? 4.000  'X-RAY DIFFRACTION' ? 
t_bond_d                  575 0.010  ? 2.000  'X-RAY DIFFRACTION' ? 
t_angle_deg               788 1.040  ? 2.000  'X-RAY DIFFRACTION' ? 
t_omega_torsion           ?   3.270  ? ?      'X-RAY DIFFRACTION' ? 
t_other_torsion           ?   15.940 ? ?      'X-RAY DIFFRACTION' ? 
# 
_refine_ls_shell.d_res_high                       2.3500 
_refine_ls_shell.d_res_low                        2.6300 
_refine_ls_shell.pdbx_total_number_of_bins_used   5 
_refine_ls_shell.percent_reflns_obs               ? 
_refine_ls_shell.number_reflns_R_work             762 
_refine_ls_shell.R_factor_all                     0.2372 
_refine_ls_shell.R_factor_R_work                  0.2327 
_refine_ls_shell.R_factor_R_free                  0.2997 
_refine_ls_shell.percent_reflns_R_free            5.5800 
_refine_ls_shell.number_reflns_R_free             45 
_refine_ls_shell.R_factor_R_free_error            ? 
_refine_ls_shell.number_reflns_all                807 
_refine_ls_shell.number_reflns_obs                ? 
_refine_ls_shell.redundancy_reflns_obs            ? 
_refine_ls_shell.pdbx_refine_id                   'X-RAY DIFFRACTION' 
# 
_struct.entry_id                  3Q1J 
_struct.title                     'Crystal structure of tudor domain 1 of human PHD finger protein 20' 
_struct.pdbx_model_details        ? 
_struct.pdbx_CASP_flag            ? 
_struct.pdbx_model_type_details   ? 
# 
_struct_keywords.entry_id        3Q1J 
_struct_keywords.text            'tudor domain, mbt, structural genomics consortium, SGC, TRANSCRIPTION' 
_struct_keywords.pdbx_keywords   TRANSCRIPTION 
# 
loop_
_struct_asym.id 
_struct_asym.pdbx_blank_PDB_chainid_flag 
_struct_asym.pdbx_modified 
_struct_asym.entity_id 
_struct_asym.details 
A N N 1 ? 
B N N 2 ? 
C N N 3 ? 
# 
_struct_biol.id        1 
_struct_biol.details   'biological unit was not experimentally determined.' 
# 
_struct_conf.conf_type_id            HELX_P 
_struct_conf.id                      HELX_P1 
_struct_conf.pdbx_PDB_helix_id       1 
_struct_conf.beg_label_comp_id       ASN 
_struct_conf.beg_label_asym_id       A 
_struct_conf.beg_label_seq_id        48 
_struct_conf.pdbx_beg_PDB_ins_code   ? 
_struct_conf.end_label_comp_id       ASP 
_struct_conf.end_label_asym_id       A 
_struct_conf.end_label_seq_id        52 
_struct_conf.pdbx_end_PDB_ins_code   ? 
_struct_conf.beg_auth_comp_id        ASN 
_struct_conf.beg_auth_asym_id        A 
_struct_conf.beg_auth_seq_id         51 
_struct_conf.end_auth_comp_id        ASP 
_struct_conf.end_auth_asym_id        A 
_struct_conf.end_auth_seq_id         55 
_struct_conf.pdbx_PDB_helix_class    5 
_struct_conf.details                 ? 
_struct_conf.pdbx_PDB_helix_length   5 
# 
_struct_conf_type.id          HELX_P 
_struct_conf_type.criteria    ? 
_struct_conf_type.reference   ? 
# 
_struct_sheet.id               A 
_struct_sheet.type             ? 
_struct_sheet.number_strands   5 
_struct_sheet.details          ? 
# 
loop_
_struct_sheet_order.sheet_id 
_struct_sheet_order.range_id_1 
_struct_sheet_order.range_id_2 
_struct_sheet_order.offset 
_struct_sheet_order.sense 
A 1 2 ? anti-parallel 
A 2 3 ? anti-parallel 
A 3 4 ? anti-parallel 
A 4 5 ? anti-parallel 
# 
loop_
_struct_sheet_range.sheet_id 
_struct_sheet_range.id 
_struct_sheet_range.beg_label_comp_id 
_struct_sheet_range.beg_label_asym_id 
_struct_sheet_range.beg_label_seq_id 
_struct_sheet_range.pdbx_beg_PDB_ins_code 
_struct_sheet_range.end_label_comp_id 
_struct_sheet_range.end_label_asym_id 
_struct_sheet_range.end_label_seq_id 
_struct_sheet_range.pdbx_end_PDB_ins_code 
_struct_sheet_range.beg_auth_comp_id 
_struct_sheet_range.beg_auth_asym_id 
_struct_sheet_range.beg_auth_seq_id 
_struct_sheet_range.end_auth_comp_id 
_struct_sheet_range.end_auth_asym_id 
_struct_sheet_range.end_auth_seq_id 
A 1 GLU A 53 ? CYS A 56 ? GLU A 56 CYS A 59 
A 2 LYS A 39 ? PHE A 44 ? LYS A 42 PHE A 47 
A 3 TRP A 25 ? ASP A 34 ? TRP A 28 ASP A 37 
A 4 GLN A 15 ? ARG A 19 ? GLN A 18 ARG A 22 
A 5 LEU A 62 ? ARG A 63 ? LEU A 65 ARG A 66 
# 
loop_
_pdbx_struct_sheet_hbond.sheet_id 
_pdbx_struct_sheet_hbond.range_id_1 
_pdbx_struct_sheet_hbond.range_id_2 
_pdbx_struct_sheet_hbond.range_1_label_atom_id 
_pdbx_struct_sheet_hbond.range_1_label_comp_id 
_pdbx_struct_sheet_hbond.range_1_label_asym_id 
_pdbx_struct_sheet_hbond.range_1_label_seq_id 
_pdbx_struct_sheet_hbond.range_1_PDB_ins_code 
_pdbx_struct_sheet_hbond.range_1_auth_atom_id 
_pdbx_struct_sheet_hbond.range_1_auth_comp_id 
_pdbx_struct_sheet_hbond.range_1_auth_asym_id 
_pdbx_struct_sheet_hbond.range_1_auth_seq_id 
_pdbx_struct_sheet_hbond.range_2_label_atom_id 
_pdbx_struct_sheet_hbond.range_2_label_comp_id 
_pdbx_struct_sheet_hbond.range_2_label_asym_id 
_pdbx_struct_sheet_hbond.range_2_label_seq_id 
_pdbx_struct_sheet_hbond.range_2_PDB_ins_code 
_pdbx_struct_sheet_hbond.range_2_auth_atom_id 
_pdbx_struct_sheet_hbond.range_2_auth_comp_id 
_pdbx_struct_sheet_hbond.range_2_auth_asym_id 
_pdbx_struct_sheet_hbond.range_2_auth_seq_id 
A 1 2 O GLU A 53 ? O GLU A 56 N ILE A 42 ? N ILE A 45 
A 2 3 O LYS A 39 ? O LYS A 42 N ASP A 34 ? N ASP A 37 
A 3 4 O ALA A 28 ? O ALA A 31 N LEU A 16 ? N LEU A 19 
A 4 5 N GLU A 17 ? N GLU A 20 O ARG A 63 ? O ARG A 66 
# 
_atom_sites.entry_id                    3Q1J 
_atom_sites.fract_transf_matrix[1][1]   0.01752119 
_atom_sites.fract_transf_matrix[1][2]   -0.00030435 
_atom_sites.fract_transf_matrix[1][3]   0.00190434 
_atom_sites.fract_transf_matrix[2][1]   -0.00247887 
_atom_sites.fract_transf_matrix[2][2]   0.00526175 
_atom_sites.fract_transf_matrix[2][3]   0.02364821 
_atom_sites.fract_transf_matrix[3][1]   0.01146156 
_atom_sites.fract_transf_matrix[3][2]   -0.03431904 
_atom_sites.fract_transf_matrix[3][3]   0.00883745 
_atom_sites.fract_transf_vector[1]      -0.186893 
_atom_sites.fract_transf_vector[2]      0.318513 
_atom_sites.fract_transf_vector[3]      0.189366 
# 
loop_
_atom_type.symbol 
C 
N 
O 
S 
X 
# 
loop_
_atom_site.group_PDB 
_atom_site.id 
_atom_site.type_symbol 
_atom_site.label_atom_id 
_atom_site.label_alt_id 
_atom_site.label_comp_id 
_atom_site.label_asym_id 
_atom_site.label_entity_id 
_atom_site.label_seq_id 
_atom_site.pdbx_PDB_ins_code 
_atom_site.Cartn_x 
_atom_site.Cartn_y 
_atom_site.Cartn_z 
_atom_site.occupancy 
_atom_site.B_iso_or_equiv 
_atom_site.pdbx_formal_charge 
_atom_site.auth_seq_id 
_atom_site.auth_comp_id 
_atom_site.auth_asym_id 
_atom_site.auth_atom_id 
_atom_site.pdbx_PDB_model_num 
ATOM   1   N N   . HIS A 1 1  ? -13.231 -8.980  1.224   1.00 61.07  ? 4  HIS A N   1 
ATOM   2   C CA  . HIS A 1 1  ? -12.061 -9.854  1.069   1.00 60.66  ? 4  HIS A CA  1 
ATOM   3   C C   . HIS A 1 1  ? -10.995 -9.207  0.182   1.00 62.21  ? 4  HIS A C   1 
ATOM   4   O O   . HIS A 1 1  ? -11.360 -8.655  -0.863  1.00 61.16  ? 4  HIS A O   1 
ATOM   5   C CB  . HIS A 1 1  ? -12.462 -11.214 0.478   1.00 61.59  ? 4  HIS A CB  1 
ATOM   6   N N   . PRO A 1 2  ? -9.683  -9.275  0.552   1.00 57.29  ? 5  PRO A N   1 
ATOM   7   C CA  . PRO A 1 2  ? -8.639  -8.661  -0.296  1.00 56.46  ? 5  PRO A CA  1 
ATOM   8   C C   . PRO A 1 2  ? -8.595  -9.249  -1.712  1.00 59.55  ? 5  PRO A C   1 
ATOM   9   O O   . PRO A 1 2  ? -8.868  -10.436 -1.882  1.00 59.89  ? 5  PRO A O   1 
ATOM   10  C CB  . PRO A 1 2  ? -7.341  -8.946  0.469   1.00 58.12  ? 5  PRO A CB  1 
ATOM   11  C CG  . PRO A 1 2  ? -7.759  -9.182  1.863   1.00 62.95  ? 5  PRO A CG  1 
ATOM   12  C CD  . PRO A 1 2  ? -9.083  -9.888  1.754   1.00 58.70  ? 5  PRO A CD  1 
ATOM   13  N N   . PRO A 1 3  ? -8.306  -8.443  -2.753  1.00 54.63  ? 6  PRO A N   1 
ATOM   14  C CA  . PRO A 1 3  ? -8.277  -9.005  -4.102  1.00 53.86  ? 6  PRO A CA  1 
ATOM   15  C C   . PRO A 1 3  ? -6.966  -9.721  -4.376  1.00 56.63  ? 6  PRO A C   1 
ATOM   16  O O   . PRO A 1 3  ? -5.981  -9.508  -3.664  1.00 55.83  ? 6  PRO A O   1 
ATOM   17  C CB  . PRO A 1 3  ? -8.486  -7.778  -4.996  1.00 55.76  ? 6  PRO A CB  1 
ATOM   18  C CG  . PRO A 1 3  ? -7.949  -6.651  -4.226  1.00 60.01  ? 6  PRO A CG  1 
ATOM   19  C CD  . PRO A 1 3  ? -7.964  -7.008  -2.763  1.00 55.68  ? 6  PRO A CD  1 
ATOM   20  N N   . ASN A 1 4  ? -6.976  -10.602 -5.388  1.00 52.93  ? 7  ASN A N   1 
ATOM   21  C CA  . ASN A 1 4  ? -5.817  -11.381 -5.817  1.00 51.35  ? 7  ASN A CA  1 
ATOM   22  C C   . ASN A 1 4  ? -5.181  -10.622 -6.965  1.00 54.14  ? 7  ASN A C   1 
ATOM   23  O O   . ASN A 1 4  ? -5.732  -10.593 -8.072  1.00 55.25  ? 7  ASN A O   1 
ATOM   24  C CB  . ASN A 1 4  ? -6.238  -12.804 -6.262  1.00 46.20  ? 7  ASN A CB  1 
ATOM   25  C CG  . ASN A 1 4  ? -5.086  -13.734 -6.623  1.00 56.26  ? 7  ASN A CG  1 
ATOM   26  O OD1 . ASN A 1 4  ? -3.892  -13.399 -6.539  1.00 44.18  ? 7  ASN A OD1 1 
ATOM   27  N ND2 . ASN A 1 4  ? -5.422  -14.955 -6.986  1.00 41.74  ? 7  ASN A ND2 1 
ATOM   28  N N   . ARG A 1 5  ? -4.050  -9.966  -6.682  1.00 48.21  ? 8  ARG A N   1 
ATOM   29  C CA  . ARG A 1 5  ? -3.289  -9.176  -7.657  1.00 47.23  ? 8  ARG A CA  1 
ATOM   30  C C   . ARG A 1 5  ? -1.853  -9.697  -7.695  1.00 50.04  ? 8  ARG A C   1 
ATOM   31  O O   . ARG A 1 5  ? -1.282  -9.962  -6.638  1.00 50.05  ? 8  ARG A O   1 
ATOM   32  C CB  . ARG A 1 5  ? -3.277  -7.694  -7.247  1.00 45.90  ? 8  ARG A CB  1 
ATOM   33  C CG  . ARG A 1 5  ? -4.639  -7.034  -7.214  1.00 52.20  ? 8  ARG A CG  1 
ATOM   34  C CD  . ARG A 1 5  ? -4.564  -5.668  -6.558  1.00 61.74  ? 8  ARG A CD  1 
ATOM   35  N NE  . ARG A 1 5  ? -3.668  -4.765  -7.282  1.00 64.16  ? 8  ARG A NE  1 
ATOM   36  C CZ  . ARG A 1 5  ? -3.556  -3.462  -7.050  1.00 62.34  ? 8  ARG A CZ  1 
ATOM   37  N NH1 . ARG A 1 5  ? -2.720  -2.725  -7.771  1.00 42.82  ? 8  ARG A NH1 1 
ATOM   38  N NH2 . ARG A 1 5  ? -4.284  -2.882  -6.099  1.00 33.49  ? 8  ARG A NH2 1 
ATOM   39  N N   . ARG A 1 6  ? -1.277  -9.837  -8.902  1.00 45.56  ? 9  ARG A N   1 
ATOM   40  C CA  . ARG A 1 6  ? 0.090   -10.336 -9.121  1.00 44.26  ? 9  ARG A CA  1 
ATOM   41  C C   . ARG A 1 6  ? 1.114   -9.494  -8.415  1.00 45.60  ? 9  ARG A C   1 
ATOM   42  O O   . ARG A 1 6  ? 1.017   -8.256  -8.432  1.00 44.53  ? 9  ARG A O   1 
ATOM   43  C CB  . ARG A 1 6  ? 0.438   -10.349 -10.620 1.00 44.07  ? 9  ARG A CB  1 
ATOM   44  N N   . GLY A 1 7  ? 2.101   -10.177 -7.836  1.00 40.36  ? 10 GLY A N   1 
ATOM   45  C CA  . GLY A 1 7  ? 3.236   -9.587  -7.130  1.00 38.80  ? 10 GLY A CA  1 
ATOM   46  C C   . GLY A 1 7  ? 2.933   -8.939  -5.791  1.00 39.40  ? 10 GLY A C   1 
ATOM   47  O O   . GLY A 1 7  ? 3.867   -8.592  -5.067  1.00 38.48  ? 10 GLY A O   1 
ATOM   48  N N   . ILE A 1 8  ? 1.643   -8.777  -5.440  1.00 33.10  ? 11 ILE A N   1 
ATOM   49  C CA  . ILE A 1 8  ? 1.242   -8.148  -4.192  1.00 33.40  ? 11 ILE A CA  1 
ATOM   50  C C   . ILE A 1 8  ? 0.529   -9.115  -3.278  1.00 39.10  ? 11 ILE A C   1 
ATOM   51  O O   . ILE A 1 8  ? -0.356  -9.853  -3.718  1.00 40.14  ? 11 ILE A O   1 
ATOM   52  C CB  . ILE A 1 8  ? 0.381   -6.872  -4.415  1.00 36.50  ? 11 ILE A CB  1 
ATOM   53  C CG1 . ILE A 1 8  ? 1.110   -5.837  -5.284  1.00 35.83  ? 11 ILE A CG1 1 
ATOM   54  C CG2 . ILE A 1 8  ? -0.047  -6.243  -3.070  1.00 37.13  ? 11 ILE A CG2 1 
ATOM   55  C CD1 . ILE A 1 8  ? 0.163   -5.013  -6.134  1.00 46.91  ? 11 ILE A CD1 1 
ATOM   56  N N   . SER A 1 9  ? 0.885   -9.062  -1.986  1.00 36.44  ? 12 SER A N   1 
ATOM   57  C CA  . SER A 1 9  ? 0.275   -9.836  -0.913  1.00 37.06  ? 12 SER A CA  1 
ATOM   58  C C   . SER A 1 9  ? -0.419  -8.850  0.005   1.00 41.28  ? 12 SER A C   1 
ATOM   59  O O   . SER A 1 9  ? 0.224   -7.959  0.556   1.00 38.04  ? 12 SER A O   1 
ATOM   60  C CB  . SER A 1 9  ? 1.328   -10.634 -0.138  1.00 39.59  ? 12 SER A CB  1 
ATOM   61  O OG  . SER A 1 9  ? 1.871   -11.676 -0.930  1.00 45.05  ? 12 SER A OG  1 
ATOM   62  N N   . PHE A 1 10 ? -1.726  -9.002  0.186   1.00 40.82  ? 13 PHE A N   1 
ATOM   63  C CA  . PHE A 1 10 ? -2.414  -8.085  1.077   1.00 40.94  ? 13 PHE A CA  1 
ATOM   64  C C   . PHE A 1 10 ? -2.306  -8.571  2.527   1.00 45.79  ? 13 PHE A C   1 
ATOM   65  O O   . PHE A 1 10 ? -3.245  -9.126  3.110   1.00 45.34  ? 13 PHE A O   1 
ATOM   66  C CB  . PHE A 1 10 ? -3.834  -7.812  0.603   1.00 42.43  ? 13 PHE A CB  1 
ATOM   67  C CG  . PHE A 1 10 ? -3.780  -6.959  -0.643  1.00 43.88  ? 13 PHE A CG  1 
ATOM   68  C CD1 . PHE A 1 10 ? -3.451  -5.608  -0.567  1.00 45.65  ? 13 PHE A CD1 1 
ATOM   69  C CD2 . PHE A 1 10 ? -3.979  -7.522  -1.898  1.00 45.98  ? 13 PHE A CD2 1 
ATOM   70  C CE1 . PHE A 1 10 ? -3.353  -4.835  -1.720  1.00 46.60  ? 13 PHE A CE1 1 
ATOM   71  C CE2 . PHE A 1 10 ? -3.894  -6.738  -3.053  1.00 47.68  ? 13 PHE A CE2 1 
ATOM   72  C CZ  . PHE A 1 10 ? -3.600  -5.400  -2.954  1.00 45.41  ? 13 PHE A CZ  1 
ATOM   73  N N   . GLU A 1 11 ? -1.106  -8.355  3.098   1.00 41.20  ? 14 GLU A N   1 
ATOM   74  C CA  . GLU A 1 11 ? -0.777  -8.767  4.446   1.00 39.83  ? 14 GLU A CA  1 
ATOM   75  C C   . GLU A 1 11 ? 0.058   -7.704  5.131   1.00 41.05  ? 14 GLU A C   1 
ATOM   76  O O   . GLU A 1 11 ? 0.969   -7.155  4.508   1.00 40.53  ? 14 GLU A O   1 
ATOM   77  C CB  . GLU A 1 11 ? 0.025   -10.093 4.421   1.00 41.50  ? 14 GLU A CB  1 
ATOM   78  C CG  . GLU A 1 11 ? -0.646  -11.286 3.753   1.00 50.98  ? 14 GLU A CG  1 
ATOM   79  C CD  . GLU A 1 11 ? -1.862  -11.874 4.448   1.00 70.61  ? 14 GLU A CD  1 
ATOM   80  O OE1 . GLU A 1 11 ? -2.865  -12.157 3.747   1.00 64.68  ? 14 GLU A OE1 1 
ATOM   81  O OE2 . GLU A 1 11 ? -1.807  -12.065 5.685   1.00 47.16  ? 14 GLU A OE2 1 
ATOM   82  N N   . VAL A 1 12 ? -0.181  -7.482  6.442   1.00 36.55  ? 15 VAL A N   1 
ATOM   83  C CA  . VAL A 1 12 ? 0.609   -6.560  7.261   1.00 35.96  ? 15 VAL A CA  1 
ATOM   84  C C   . VAL A 1 12 ? 2.085   -7.033  7.204   1.00 42.09  ? 15 VAL A C   1 
ATOM   85  O O   . VAL A 1 12 ? 2.368   -8.203  7.443   1.00 42.23  ? 15 VAL A O   1 
ATOM   86  C CB  . VAL A 1 12 ? 0.086   -6.485  8.723   1.00 38.12  ? 15 VAL A CB  1 
ATOM   87  C CG1 . VAL A 1 12 ? 0.897   -5.488  9.541   1.00 36.91  ? 15 VAL A CG1 1 
ATOM   88  C CG2 . VAL A 1 12 ? -1.406  -6.138  8.769   1.00 37.29  ? 15 VAL A CG2 1 
ATOM   89  N N   . GLY A 1 13 ? 2.982   -6.120  6.852   1.00 39.76  ? 16 GLY A N   1 
ATOM   90  C CA  . GLY A 1 13 ? 4.411   -6.379  6.722   1.00 38.42  ? 16 GLY A CA  1 
ATOM   91  C C   . GLY A 1 13 ? 4.803   -6.706  5.293   1.00 41.49  ? 16 GLY A C   1 
ATOM   92  O O   . GLY A 1 13 ? 5.985   -6.921  5.020   1.00 42.19  ? 16 GLY A O   1 
ATOM   93  N N   . ALA A 1 14 ? 3.812   -6.800  4.370   1.00 34.81  ? 17 ALA A N   1 
ATOM   94  C CA  . ALA A 1 14 ? 4.107   -7.090  2.970   1.00 32.84  ? 17 ALA A CA  1 
ATOM   95  C C   . ALA A 1 14 ? 4.669   -5.857  2.257   1.00 35.78  ? 17 ALA A C   1 
ATOM   96  O O   . ALA A 1 14 ? 4.229   -4.729  2.479   1.00 34.57  ? 17 ALA A O   1 
ATOM   97  C CB  . ALA A 1 14 ? 2.881   -7.611  2.247   1.00 32.61  ? 17 ALA A CB  1 
ATOM   98  N N   . GLN A 1 15 ? 5.622   -6.091  1.380   1.00 32.76  ? 18 GLN A N   1 
ATOM   99  C CA  . GLN A 1 15 ? 6.294   -5.040  0.626   1.00 32.28  ? 18 GLN A CA  1 
ATOM   100 C C   . GLN A 1 15 ? 5.673   -4.899  -0.751  1.00 35.88  ? 18 GLN A C   1 
ATOM   101 O O   . GLN A 1 15 ? 5.279   -5.900  -1.369  1.00 33.21  ? 18 GLN A O   1 
ATOM   102 C CB  . GLN A 1 15 ? 7.787   -5.388  0.474   1.00 33.05  ? 18 GLN A CB  1 
ATOM   103 C CG  . GLN A 1 15 ? 8.489   -5.807  1.774   1.00 34.98  ? 18 GLN A CG  1 
ATOM   104 C CD  . GLN A 1 15 ? 8.545   -4.723  2.827   1.00 50.39  ? 18 GLN A CD  1 
ATOM   105 O OE1 . GLN A 1 15 ? 9.096   -3.652  2.619   1.00 50.53  ? 18 GLN A OE1 1 
ATOM   106 N NE2 . GLN A 1 15 ? 7.999   -4.991  3.999   1.00 40.34  ? 18 GLN A NE2 1 
ATOM   107 N N   . LEU A 1 16 ? 5.632   -3.645  -1.233  1.00 33.82  ? 19 LEU A N   1 
ATOM   108 C CA  . LEU A 1 16 ? 5.159   -3.233  -2.542  1.00 34.51  ? 19 LEU A CA  1 
ATOM   109 C C   . LEU A 1 16 ? 5.663   -1.815  -2.850  1.00 38.74  ? 19 LEU A C   1 
ATOM   110 O O   . LEU A 1 16 ? 6.588   -1.305  -2.213  1.00 39.82  ? 19 LEU A O   1 
ATOM   111 C CB  . LEU A 1 16 ? 3.607   -3.382  -2.686  1.00 35.78  ? 19 LEU A CB  1 
ATOM   112 C CG  . LEU A 1 16 ? 2.607   -2.436  -1.965  1.00 42.00  ? 19 LEU A CG  1 
ATOM   113 C CD1 . LEU A 1 16 ? 1.193   -2.768  -2.373  1.00 43.17  ? 19 LEU A CD1 1 
ATOM   114 C CD2 . LEU A 1 16 ? 2.646   -2.585  -0.484  1.00 44.84  ? 19 LEU A CD2 1 
ATOM   115 N N   . GLU A 1 17 ? 5.111   -1.221  -3.866  1.00 34.63  ? 20 GLU A N   1 
ATOM   116 C CA  . GLU A 1 17 ? 5.409   0.128   -4.268  1.00 34.37  ? 20 GLU A CA  1 
ATOM   117 C C   . GLU A 1 17 ? 4.078   0.843   -4.367  1.00 36.73  ? 20 GLU A C   1 
ATOM   118 O O   . GLU A 1 17 ? 3.067   0.263   -4.783  1.00 35.75  ? 20 GLU A O   1 
ATOM   119 C CB  . GLU A 1 17 ? 6.096   0.136   -5.636  1.00 35.88  ? 20 GLU A CB  1 
ATOM   120 C CG  . GLU A 1 17 ? 7.583   0.412   -5.572  1.00 43.53  ? 20 GLU A CG  1 
ATOM   121 C CD  . GLU A 1 17 ? 8.274   0.312   -6.916  1.00 63.77  ? 20 GLU A CD  1 
ATOM   122 O OE1 . GLU A 1 17 ? 9.304   -0.399  -6.999  1.00 66.63  ? 20 GLU A OE1 1 
ATOM   123 O OE2 . GLU A 1 17 ? 7.779   0.930   -7.890  1.00 44.05  ? 20 GLU A OE2 1 
ATOM   124 N N   . ALA A 1 18 ? 4.088   2.105   -4.019  1.00 33.52  ? 21 ALA A N   1 
ATOM   125 C CA  . ALA A 1 18 ? 2.898   2.927   -4.092  1.00 33.98  ? 21 ALA A CA  1 
ATOM   126 C C   . ALA A 1 18 ? 3.288   4.263   -4.643  1.00 36.96  ? 21 ALA A C   1 
ATOM   127 O O   . ALA A 1 18 ? 4.433   4.690   -4.489  1.00 37.72  ? 21 ALA A O   1 
ATOM   128 C CB  . ALA A 1 18 ? 2.275   3.078   -2.697  1.00 34.91  ? 21 ALA A CB  1 
ATOM   129 N N   . ARG A 1 19 ? 2.353   4.930   -5.304  1.00 33.82  ? 22 ARG A N   1 
ATOM   130 C CA  . ARG A 1 19 ? 2.627   6.259   -5.840  1.00 32.72  ? 22 ARG A CA  1 
ATOM   131 C C   . ARG A 1 19 ? 2.327   7.310   -4.758  1.00 36.90  ? 22 ARG A C   1 
ATOM   132 O O   . ARG A 1 19 ? 1.187   7.424   -4.294  1.00 34.65  ? 22 ARG A O   1 
ATOM   133 C CB  . ARG A 1 19 ? 1.840   6.500   -7.126  1.00 27.98  ? 22 ARG A CB  1 
ATOM   134 C CG  . ARG A 1 19 ? 2.498   7.513   -8.059  1.00 25.97  ? 22 ARG A CG  1 
ATOM   135 C CD  . ARG A 1 19 ? 1.861   7.402   -9.419  1.00 36.91  ? 22 ARG A CD  1 
ATOM   136 N NE  . ARG A 1 19 ? 2.283   8.452   -10.343 1.00 45.94  ? 22 ARG A NE  1 
ATOM   137 C CZ  . ARG A 1 19 ? 1.524   9.483   -10.692 1.00 67.14  ? 22 ARG A CZ  1 
ATOM   138 N NH1 . ARG A 1 19 ? 0.317   9.642   -10.158 1.00 44.26  ? 22 ARG A NH1 1 
ATOM   139 N NH2 . ARG A 1 19 ? 1.968   10.370  -11.574 1.00 67.86  ? 22 ARG A NH2 1 
ATOM   140 N N   . ASP A 1 20 ? 3.376   8.029   -4.317  1.00 35.83  ? 23 ASP A N   1 
ATOM   141 C CA  . ASP A 1 20 ? 3.239   9.037   -3.272  1.00 37.34  ? 23 ASP A CA  1 
ATOM   142 C C   . ASP A 1 20 ? 2.571   10.332  -3.755  1.00 42.03  ? 23 ASP A C   1 
ATOM   143 O O   . ASP A 1 20 ? 2.327   10.535  -4.958  1.00 39.47  ? 23 ASP A O   1 
ATOM   144 C CB  . ASP A 1 20 ? 4.584   9.327   -2.563  1.00 39.59  ? 23 ASP A CB  1 
ATOM   145 C CG  . ASP A 1 20 ? 5.690   9.943   -3.407  1.00 53.64  ? 23 ASP A CG  1 
ATOM   146 O OD1 . ASP A 1 20 ? 5.372   10.710  -4.334  1.00 55.12  ? 23 ASP A OD1 1 
ATOM   147 O OD2 . ASP A 1 20 ? 6.884   9.663   -3.124  1.00 56.61  ? 23 ASP A OD2 1 
ATOM   148 N N   . ARG A 1 21 ? 2.301   11.215  -2.790  1.00 41.31  ? 24 ARG A N   1 
ATOM   149 C CA  . ARG A 1 21 ? 1.661   12.527  -2.967  1.00 41.96  ? 24 ARG A CA  1 
ATOM   150 C C   . ARG A 1 21 ? 2.458   13.467  -3.888  1.00 45.97  ? 24 ARG A C   1 
ATOM   151 O O   . ARG A 1 21 ? 1.915   14.472  -4.327  1.00 46.53  ? 24 ARG A O   1 
ATOM   152 C CB  . ARG A 1 21 ? 1.435   13.170  -1.592  1.00 43.05  ? 24 ARG A CB  1 
ATOM   153 N N   . LEU A 1 22 ? 3.714   13.113  -4.210  1.00 42.05  ? 25 LEU A N   1 
ATOM   154 C CA  . LEU A 1 22 ? 4.592   13.851  -5.110  1.00 41.96  ? 25 LEU A CA  1 
ATOM   155 C C   . LEU A 1 22 ? 4.674   13.199  -6.485  1.00 47.34  ? 25 LEU A C   1 
ATOM   156 O O   . LEU A 1 22 ? 5.510   13.592  -7.306  1.00 47.25  ? 25 LEU A O   1 
ATOM   157 C CB  . LEU A 1 22 ? 6.000   13.991  -4.496  1.00 42.14  ? 25 LEU A CB  1 
ATOM   158 C CG  . LEU A 1 22 ? 6.148   14.795  -3.187  1.00 46.71  ? 25 LEU A CG  1 
ATOM   159 C CD1 . LEU A 1 22 ? 7.596   15.255  -3.015  1.00 46.26  ? 25 LEU A CD1 1 
ATOM   160 C CD2 . LEU A 1 22 ? 5.203   16.022  -3.152  1.00 48.88  ? 25 LEU A CD2 1 
ATOM   161 N N   . LYS A 1 23 ? 3.769   12.219  -6.747  1.00 44.28  ? 26 LYS A N   1 
ATOM   162 C CA  . LYS A 1 23 ? 3.638   11.440  -7.987  1.00 42.33  ? 26 LYS A CA  1 
ATOM   163 C C   . LYS A 1 23 ? 4.962   10.679  -8.282  1.00 44.94  ? 26 LYS A C   1 
ATOM   164 O O   . LYS A 1 23 ? 5.491   10.688  -9.401  1.00 44.62  ? 26 LYS A O   1 
ATOM   165 C CB  . LYS A 1 23 ? 3.164   12.338  -9.157  1.00 44.76  ? 26 LYS A CB  1 
ATOM   166 C CG  . LYS A 1 23 ? 1.956   13.224  -8.766  1.00 47.75  ? 26 LYS A CG  1 
ATOM   167 C CD  . LYS A 1 23 ? 1.106   13.652  -9.947  1.00 45.81  ? 26 LYS A CD  1 
ATOM   168 C CE  . LYS A 1 23 ? 1.451   15.015  -10.483 1.00 47.06  ? 26 LYS A CE  1 
ATOM   169 N NZ  . LYS A 1 23 ? 0.260   15.661  -11.116 1.00 48.80  ? 26 LYS A NZ  1 
ATOM   170 N N   . ASN A 1 24 ? 5.484   10.013  -7.250  1.00 40.55  ? 27 ASN A N   1 
ATOM   171 C CA  . ASN A 1 24 ? 6.701   9.202   -7.350  1.00 40.15  ? 27 ASN A CA  1 
ATOM   172 C C   . ASN A 1 24 ? 6.433   7.781   -6.883  1.00 40.75  ? 27 ASN A C   1 
ATOM   173 O O   . ASN A 1 24 ? 5.928   7.579   -5.771  1.00 39.73  ? 27 ASN A O   1 
ATOM   174 C CB  . ASN A 1 24 ? 7.861   9.814   -6.494  1.00 39.25  ? 27 ASN A CB  1 
ATOM   175 C CG  . ASN A 1 24 ? 8.315   11.176  -6.927  1.00 52.74  ? 27 ASN A CG  1 
ATOM   176 O OD1 . ASN A 1 24 ? 8.698   11.398  -8.077  1.00 54.53  ? 27 ASN A OD1 1 
ATOM   177 N ND2 . ASN A 1 24 ? 8.325   12.113  -6.011  1.00 39.44  ? 27 ASN A ND2 1 
ATOM   178 N N   . TRP A 1 25 ? 6.821   6.801   -7.689  1.00 36.16  ? 28 TRP A N   1 
ATOM   179 C CA  . TRP A 1 25 ? 6.733   5.402   -7.282  1.00 35.12  ? 28 TRP A CA  1 
ATOM   180 C C   . TRP A 1 25 ? 7.856   5.170   -6.286  1.00 41.20  ? 28 TRP A C   1 
ATOM   181 O O   . TRP A 1 25 ? 9.026   5.335   -6.642  1.00 40.17  ? 28 TRP A O   1 
ATOM   182 C CB  . TRP A 1 25 ? 6.858   4.455   -8.460  1.00 33.01  ? 28 TRP A CB  1 
ATOM   183 C CG  . TRP A 1 25 ? 5.652   4.468   -9.338  1.00 33.68  ? 28 TRP A CG  1 
ATOM   184 C CD1 . TRP A 1 25 ? 5.540   5.051   -10.564 1.00 36.69  ? 28 TRP A CD1 1 
ATOM   185 C CD2 . TRP A 1 25 ? 4.363   3.897   -9.041  1.00 32.75  ? 28 TRP A CD2 1 
ATOM   186 N NE1 . TRP A 1 25 ? 4.271   4.853   -11.067 1.00 36.11  ? 28 TRP A NE1 1 
ATOM   187 C CE2 . TRP A 1 25 ? 3.523   4.168   -10.145 1.00 36.92  ? 28 TRP A CE2 1 
ATOM   188 C CE3 . TRP A 1 25 ? 3.842   3.179   -7.951  1.00 33.44  ? 28 TRP A CE3 1 
ATOM   189 C CZ2 . TRP A 1 25 ? 2.173   3.780   -10.175 1.00 36.15  ? 28 TRP A CZ2 1 
ATOM   190 C CZ3 . TRP A 1 25 ? 2.512   2.767   -7.994  1.00 34.97  ? 28 TRP A CZ3 1 
ATOM   191 C CH2 . TRP A 1 25 ? 1.691   3.072   -9.089  1.00 35.75  ? 28 TRP A CH2 1 
ATOM   192 N N   . TYR A 1 26 ? 7.488   4.859   -5.016  1.00 38.86  ? 29 TYR A N   1 
ATOM   193 C CA  . TYR A 1 26 ? 8.467   4.630   -3.966  1.00 38.16  ? 29 TYR A CA  1 
ATOM   194 C C   . TYR A 1 26 ? 8.203   3.309   -3.198  1.00 39.50  ? 29 TYR A C   1 
ATOM   195 O O   . TYR A 1 26 ? 7.033   2.977   -2.985  1.00 39.56  ? 29 TYR A O   1 
ATOM   196 C CB  . TYR A 1 26 ? 8.508   5.846   -3.018  1.00 39.98  ? 29 TYR A CB  1 
ATOM   197 C CG  . TYR A 1 26 ? 9.817   5.941   -2.279  1.00 42.47  ? 29 TYR A CG  1 
ATOM   198 C CD1 . TYR A 1 26 ? 10.970  6.414   -2.912  1.00 44.63  ? 29 TYR A CD1 1 
ATOM   199 C CD2 . TYR A 1 26 ? 9.932   5.485   -0.969  1.00 43.05  ? 29 TYR A CD2 1 
ATOM   200 C CE1 . TYR A 1 26 ? 12.208  6.404   -2.263  1.00 44.14  ? 29 TYR A CE1 1 
ATOM   201 C CE2 . TYR A 1 26 ? 11.160  5.472   -0.312  1.00 43.70  ? 29 TYR A CE2 1 
ATOM   202 C CZ  . TYR A 1 26 ? 12.296  5.930   -0.962  1.00 49.00  ? 29 TYR A CZ  1 
ATOM   203 O OH  . TYR A 1 26 ? 13.497  5.868   -0.305  1.00 50.14  ? 29 TYR A OH  1 
ATOM   204 N N   . PRO A 1 27 ? 9.264   2.545   -2.794  1.00 32.96  ? 30 PRO A N   1 
ATOM   205 C CA  . PRO A 1 27 ? 9.052   1.334   -1.985  1.00 34.15  ? 30 PRO A CA  1 
ATOM   206 C C   . PRO A 1 27 ? 8.284   1.593   -0.683  1.00 40.42  ? 30 PRO A C   1 
ATOM   207 O O   . PRO A 1 27 ? 8.531   2.568   0.023   1.00 40.28  ? 30 PRO A O   1 
ATOM   208 C CB  . PRO A 1 27 ? 10.475  0.867   -1.679  1.00 35.97  ? 30 PRO A CB  1 
ATOM   209 C CG  . PRO A 1 27 ? 11.308  2.124   -1.803  1.00 39.06  ? 30 PRO A CG  1 
ATOM   210 C CD  . PRO A 1 27 ? 10.706  2.770   -2.999  1.00 33.90  ? 30 PRO A CD  1 
ATOM   211 N N   . ALA A 1 28 ? 7.335   0.702   -0.380  1.00 37.61  ? 31 ALA A N   1 
ATOM   212 C CA  . ALA A 1 28 ? 6.463   0.832   0.773   1.00 36.27  ? 31 ALA A CA  1 
ATOM   213 C C   . ALA A 1 28 ? 6.085   -0.531  1.387   1.00 38.59  ? 31 ALA A C   1 
ATOM   214 O O   . ALA A 1 28 ? 6.502   -1.584  0.883   1.00 35.35  ? 31 ALA A O   1 
ATOM   215 C CB  . ALA A 1 28 ? 5.210   1.597   0.365   1.00 36.54  ? 31 ALA A CB  1 
ATOM   216 N N   . HIS A 1 29 ? 5.350   -0.488  2.521   1.00 36.45  ? 32 HIS A N   1 
ATOM   217 C CA  . HIS A 1 29 ? 4.835   -1.677  3.177   1.00 37.22  ? 32 HIS A CA  1 
ATOM   218 C C   . HIS A 1 29 ? 3.458   -1.407  3.804   1.00 40.08  ? 32 HIS A C   1 
ATOM   219 O O   . HIS A 1 29 ? 3.032   -0.251  3.933   1.00 36.12  ? 32 HIS A O   1 
ATOM   220 C CB  . HIS A 1 29 ? 5.826   -2.348  4.158   1.00 38.57  ? 32 HIS A CB  1 
ATOM   221 C CG  . HIS A 1 29 ? 6.128   -1.587  5.406   1.00 43.22  ? 32 HIS A CG  1 
ATOM   222 N ND1 . HIS A 1 29 ? 7.396   -1.071  5.642   1.00 45.77  ? 32 HIS A ND1 1 
ATOM   223 C CD2 . HIS A 1 29 ? 5.346   -1.333  6.483   1.00 45.50  ? 32 HIS A CD2 1 
ATOM   224 C CE1 . HIS A 1 29 ? 7.326   -0.476  6.827   1.00 45.42  ? 32 HIS A CE1 1 
ATOM   225 N NE2 . HIS A 1 29 ? 6.112   -0.593  7.365   1.00 45.45  ? 32 HIS A NE2 1 
ATOM   226 N N   . ILE A 1 30 ? 2.738   -2.518  4.093   1.00 37.50  ? 33 ILE A N   1 
ATOM   227 C CA  . ILE A 1 30 ? 1.406   -2.553  4.689   1.00 36.50  ? 33 ILE A CA  1 
ATOM   228 C C   . ILE A 1 30 ? 1.587   -2.594  6.205   1.00 40.64  ? 33 ILE A C   1 
ATOM   229 O O   . ILE A 1 30 ? 2.165   -3.542  6.723   1.00 41.43  ? 33 ILE A O   1 
ATOM   230 C CB  . ILE A 1 30 ? 0.609   -3.768  4.131   1.00 38.50  ? 33 ILE A CB  1 
ATOM   231 C CG1 . ILE A 1 30 ? 0.495   -3.665  2.577   1.00 37.91  ? 33 ILE A CG1 1 
ATOM   232 C CG2 . ILE A 1 30 ? -0.751  -3.910  4.818   1.00 38.55  ? 33 ILE A CG2 1 
ATOM   233 C CD1 . ILE A 1 30 ? -0.395  -4.653  1.864   1.00 36.39  ? 33 ILE A CD1 1 
ATOM   234 N N   . GLU A 1 31 ? 1.152   -1.533  6.881   1.00 37.44  ? 34 GLU A N   1 
ATOM   235 C CA  . GLU A 1 31 ? 1.189   -1.320  8.327   1.00 37.33  ? 34 GLU A CA  1 
ATOM   236 C C   . GLU A 1 31 ? -0.085  -1.846  8.971   1.00 42.11  ? 34 GLU A C   1 
ATOM   237 O O   . GLU A 1 31 ? -0.062  -2.249  10.138  1.00 40.87  ? 34 GLU A O   1 
ATOM   238 C CB  . GLU A 1 31 ? 1.305   0.198   8.647   1.00 38.54  ? 34 GLU A CB  1 
ATOM   239 C CG  . GLU A 1 31 ? 2.672   0.806   8.398   1.00 48.88  ? 34 GLU A CG  1 
ATOM   240 C CD  . GLU A 1 31 ? 3.755   0.608   9.440   1.00 79.85  ? 34 GLU A CD  1 
ATOM   241 O OE1 . GLU A 1 31 ? 3.540   -0.158  10.409  1.00 82.97  ? 34 GLU A OE1 1 
ATOM   242 O OE2 . GLU A 1 31 ? 4.835   1.225   9.282   1.00 78.27  ? 34 GLU A OE2 1 
ATOM   243 N N   . ASP A 1 32 ? -1.213  -1.791  8.231   1.00 39.96  ? 35 ASP A N   1 
ATOM   244 C CA  . ASP A 1 32 ? -2.516  -2.229  8.736   1.00 40.50  ? 35 ASP A CA  1 
ATOM   245 C C   . ASP A 1 32 ? -3.481  -2.489  7.608   1.00 44.01  ? 35 ASP A C   1 
ATOM   246 O O   . ASP A 1 32 ? -3.286  -1.985  6.517   1.00 44.15  ? 35 ASP A O   1 
ATOM   247 C CB  . ASP A 1 32 ? -3.121  -1.180  9.713   1.00 42.35  ? 35 ASP A CB  1 
ATOM   248 C CG  . ASP A 1 32 ? -4.045  -1.735  10.790  1.00 48.47  ? 35 ASP A CG  1 
ATOM   249 O OD1 . ASP A 1 32 ? -4.525  -2.879  10.637  1.00 50.72  ? 35 ASP A OD1 1 
ATOM   250 O OD2 . ASP A 1 32 ? -4.308  -1.017  11.771  1.00 53.20  ? 35 ASP A OD2 1 
ATOM   251 N N   . ILE A 1 33 ? -4.534  -3.270  7.872   1.00 41.93  ? 36 ILE A N   1 
ATOM   252 C CA  . ILE A 1 33 ? -5.560  -3.583  6.874   1.00 41.77  ? 36 ILE A CA  1 
ATOM   253 C C   . ILE A 1 33 ? -6.923  -3.328  7.456   1.00 44.90  ? 36 ILE A C   1 
ATOM   254 O O   . ILE A 1 33 ? -7.211  -3.806  8.544   1.00 47.80  ? 36 ILE A O   1 
ATOM   255 C CB  . ILE A 1 33 ? -5.463  -5.029  6.273   1.00 44.31  ? 36 ILE A CB  1 
ATOM   256 C CG1 . ILE A 1 33 ? -4.075  -5.274  5.622   1.00 44.05  ? 36 ILE A CG1 1 
ATOM   257 C CG2 . ILE A 1 33 ? -6.613  -5.273  5.237   1.00 44.57  ? 36 ILE A CG2 1 
ATOM   258 C CD1 . ILE A 1 33 ? -3.837  -6.628  5.107   1.00 46.45  ? 36 ILE A CD1 1 
ATOM   259 N N   . ASP A 1 34 ? -7.763  -2.614  6.709   1.00 38.07  ? 37 ASP A N   1 
ATOM   260 C CA  . ASP A 1 34 ? -9.144  -2.315  7.032   1.00 36.47  ? 37 ASP A CA  1 
ATOM   261 C C   . ASP A 1 34 ? -10.000 -3.204  6.102   1.00 40.15  ? 37 ASP A C   1 
ATOM   262 O O   . ASP A 1 34 ? -10.230 -2.851  4.935   1.00 39.92  ? 37 ASP A O   1 
ATOM   263 C CB  . ASP A 1 34 ? -9.400  -0.809  6.794   1.00 37.98  ? 37 ASP A CB  1 
ATOM   264 C CG  . ASP A 1 34 ? -10.851 -0.348  6.858   1.00 46.57  ? 37 ASP A CG  1 
ATOM   265 O OD1 . ASP A 1 34 ? -11.742 -1.200  7.079   1.00 47.87  ? 37 ASP A OD1 1 
ATOM   266 O OD2 . ASP A 1 34 ? -11.097 0.858   6.654   1.00 49.88  ? 37 ASP A OD2 1 
ATOM   267 N N   . TYR A 1 35 ? -10.422 -4.374  6.594   1.00 35.68  ? 38 TYR A N   1 
ATOM   268 C CA  . TYR A 1 35 ? -11.215 -5.312  5.791   1.00 36.06  ? 38 TYR A CA  1 
ATOM   269 C C   . TYR A 1 35 ? -12.663 -4.811  5.552   1.00 43.24  ? 38 TYR A C   1 
ATOM   270 O O   . TYR A 1 35 ? -13.317 -5.293  4.631   1.00 43.51  ? 38 TYR A O   1 
ATOM   271 C CB  . TYR A 1 35 ? -11.210 -6.732  6.403   1.00 35.52  ? 38 TYR A CB  1 
ATOM   272 C CG  . TYR A 1 35 ? -9.821  -7.318  6.537   1.00 34.56  ? 38 TYR A CG  1 
ATOM   273 C CD1 . TYR A 1 35 ? -9.025  -7.033  7.644   1.00 36.24  ? 38 TYR A CD1 1 
ATOM   274 C CD2 . TYR A 1 35 ? -9.293  -8.133  5.546   1.00 34.55  ? 38 TYR A CD2 1 
ATOM   275 C CE1 . TYR A 1 35 ? -7.739  -7.551  7.762   1.00 38.40  ? 38 TYR A CE1 1 
ATOM   276 C CE2 . TYR A 1 35 ? -8.018  -8.678  5.663   1.00 36.12  ? 38 TYR A CE2 1 
ATOM   277 C CZ  . TYR A 1 35 ? -7.238  -8.379  6.767   1.00 48.89  ? 38 TYR A CZ  1 
ATOM   278 O OH  . TYR A 1 35 ? -5.953  -8.875  6.853   1.00 55.05  ? 38 TYR A OH  1 
ATOM   279 N N   . GLU A 1 36 ? -13.149 -3.859  6.347   1.00 41.75  ? 39 GLU A N   1 
ATOM   280 C CA  . GLU A 1 36 ? -14.510 -3.350  6.160   1.00 43.03  ? 39 GLU A CA  1 
ATOM   281 C C   . GLU A 1 36 ? -14.585 -2.378  4.985   1.00 45.98  ? 39 GLU A C   1 
ATOM   282 O O   . GLU A 1 36 ? -15.452 -2.560  4.122   1.00 47.19  ? 39 GLU A O   1 
ATOM   283 C CB  . GLU A 1 36 ? -15.093 -2.731  7.452   1.00 44.92  ? 39 GLU A CB  1 
ATOM   284 C CG  . GLU A 1 36 ? -16.548 -2.284  7.336   1.00 64.79  ? 39 GLU A CG  1 
ATOM   285 C CD  . GLU A 1 36 ? -17.582 -3.265  6.794   1.00 102.59 ? 39 GLU A CD  1 
ATOM   286 O OE1 . GLU A 1 36 ? -18.422 -2.838  5.969   1.00 101.21 ? 39 GLU A OE1 1 
ATOM   287 O OE2 . GLU A 1 36 ? -17.572 -4.446  7.212   1.00 107.20 ? 39 GLU A OE2 1 
ATOM   288 N N   . GLU A 1 37 ? -13.685 -1.369  4.924   1.00 39.58  ? 40 GLU A N   1 
ATOM   289 C CA  . GLU A 1 37 ? -13.735 -0.386  3.825   1.00 38.31  ? 40 GLU A CA  1 
ATOM   290 C C   . GLU A 1 37 ? -12.827 -0.754  2.625   1.00 43.14  ? 40 GLU A C   1 
ATOM   291 O O   . GLU A 1 37 ? -12.827 -0.062  1.604   1.00 45.03  ? 40 GLU A O   1 
ATOM   292 C CB  . GLU A 1 37 ? -13.456 1.034   4.318   1.00 38.89  ? 40 GLU A CB  1 
ATOM   293 C CG  . GLU A 1 37 ? -14.335 1.467   5.483   1.00 41.07  ? 40 GLU A CG  1 
ATOM   294 C CD  . GLU A 1 37 ? -14.048 2.873   5.975   1.00 61.34  ? 40 GLU A CD  1 
ATOM   295 O OE1 . GLU A 1 37 ? -12.876 3.297   5.877   1.00 48.97  ? 40 GLU A OE1 1 
ATOM   296 O OE2 . GLU A 1 37 ? -14.990 3.560   6.436   1.00 58.95  ? 40 GLU A OE2 1 
ATOM   297 N N   . GLY A 1 38 ? -12.155 -1.890  2.729   1.00 38.45  ? 41 GLY A N   1 
ATOM   298 C CA  . GLY A 1 38 ? -11.277 -2.412  1.699   1.00 37.93  ? 41 GLY A CA  1 
ATOM   299 C C   . GLY A 1 38 ? -10.063 -1.552  1.449   1.00 41.10  ? 41 GLY A C   1 
ATOM   300 O O   . GLY A 1 38 ? -9.696  -1.315  0.295   1.00 42.73  ? 41 GLY A O   1 
ATOM   301 N N   . LYS A 1 39 ? -9.415  -1.114  2.530   1.00 35.17  ? 42 LYS A N   1 
ATOM   302 C CA  . LYS A 1 39 ? -8.264  -0.231  2.485   1.00 33.60  ? 42 LYS A CA  1 
ATOM   303 C C   . LYS A 1 39 ? -7.032  -0.813  3.174   1.00 38.10  ? 42 LYS A C   1 
ATOM   304 O O   . LYS A 1 39 ? -7.151  -1.569  4.138   1.00 37.92  ? 42 LYS A O   1 
ATOM   305 C CB  . LYS A 1 39 ? -8.626  1.149   3.094   1.00 33.79  ? 42 LYS A CB  1 
ATOM   306 C CG  . LYS A 1 39 ? -9.599  1.932   2.232   1.00 39.43  ? 42 LYS A CG  1 
ATOM   307 C CD  . LYS A 1 39 ? -10.118 3.182   2.881   1.00 42.75  ? 42 LYS A CD  1 
ATOM   308 C CE  . LYS A 1 39 ? -11.251 3.715   2.038   1.00 49.77  ? 42 LYS A CE  1 
ATOM   309 N NZ  . LYS A 1 39 ? -11.765 5.020   2.533   1.00 62.56  ? 42 LYS A NZ  1 
ATOM   310 N N   . VAL A 1 40 ? -5.846  -0.383  2.709   1.00 36.36  ? 43 VAL A N   1 
ATOM   311 C CA  . VAL A 1 40 ? -4.530  -0.762  3.241   1.00 36.53  ? 43 VAL A CA  1 
ATOM   312 C C   . VAL A 1 40 ? -3.739  0.490   3.723   1.00 38.20  ? 43 VAL A C   1 
ATOM   313 O O   . VAL A 1 40 ? -3.639  1.501   3.023   1.00 37.56  ? 43 VAL A O   1 
ATOM   314 C CB  . VAL A 1 40 ? -3.673  -1.632  2.274   1.00 40.53  ? 43 VAL A CB  1 
ATOM   315 C CG1 . VAL A 1 40 ? -4.314  -2.991  2.053   1.00 40.99  ? 43 VAL A CG1 1 
ATOM   316 C CG2 . VAL A 1 40 ? -3.386  -0.925  0.942   1.00 40.27  ? 43 VAL A CG2 1 
ATOM   317 N N   . LEU A 1 41 ? -3.171  0.400   4.909   1.00 31.47  ? 44 LEU A N   1 
ATOM   318 C CA  . LEU A 1 41 ? -2.388  1.500   5.391   1.00 30.65  ? 44 LEU A CA  1 
ATOM   319 C C   . LEU A 1 41 ? -0.988  1.329   4.830   1.00 35.46  ? 44 LEU A C   1 
ATOM   320 O O   . LEU A 1 41 ? -0.354  0.282   5.010   1.00 34.56  ? 44 LEU A O   1 
ATOM   321 C CB  . LEU A 1 41 ? -2.436  1.578   6.912   1.00 30.15  ? 44 LEU A CB  1 
ATOM   322 C CG  . LEU A 1 41 ? -1.672  2.718   7.575   1.00 35.28  ? 44 LEU A CG  1 
ATOM   323 C CD1 . LEU A 1 41 ? -2.239  4.112   7.151   1.00 35.37  ? 44 LEU A CD1 1 
ATOM   324 C CD2 . LEU A 1 41 ? -1.704  2.544   9.120   1.00 37.73  ? 44 LEU A CD2 1 
ATOM   325 N N   . ILE A 1 42 ? -0.533  2.344   4.093   1.00 32.09  ? 45 ILE A N   1 
ATOM   326 C CA  . ILE A 1 42 ? 0.750   2.296   3.409   1.00 31.45  ? 45 ILE A CA  1 
ATOM   327 C C   . ILE A 1 42 ? 1.766   3.175   4.098   1.00 34.62  ? 45 ILE A C   1 
ATOM   328 O O   . ILE A 1 42 ? 1.474   4.317   4.440   1.00 33.14  ? 45 ILE A O   1 
ATOM   329 C CB  . ILE A 1 42 ? 0.570   2.634   1.878   1.00 33.87  ? 45 ILE A CB  1 
ATOM   330 C CG1 . ILE A 1 42 ? -0.044  1.444   1.090   1.00 34.70  ? 45 ILE A CG1 1 
ATOM   331 C CG2 . ILE A 1 42 ? 1.839   3.101   1.194   1.00 33.88  ? 45 ILE A CG2 1 
ATOM   332 C CD1 . ILE A 1 42 ? 0.586   -0.023  1.312   1.00 42.73  ? 45 ILE A CD1 1 
ATOM   333 N N   . HIS A 1 43 ? 2.975   2.637   4.264   1.00 32.94  ? 46 HIS A N   1 
ATOM   334 C CA  . HIS A 1 43 ? 4.105   3.374   4.816   1.00 32.24  ? 46 HIS A CA  1 
ATOM   335 C C   . HIS A 1 43 ? 5.223   3.396   3.806   1.00 37.16  ? 46 HIS A C   1 
ATOM   336 O O   . HIS A 1 43 ? 5.819   2.361   3.504   1.00 36.37  ? 46 HIS A O   1 
ATOM   337 C CB  . HIS A 1 43 ? 4.595   2.809   6.175   1.00 31.45  ? 46 HIS A CB  1 
ATOM   338 C CG  . HIS A 1 43 ? 5.859   3.448   6.680   1.00 33.73  ? 46 HIS A CG  1 
ATOM   339 N ND1 . HIS A 1 43 ? 5.871   4.740   7.180   1.00 35.02  ? 46 HIS A ND1 1 
ATOM   340 C CD2 . HIS A 1 43 ? 7.124   2.967   6.701   1.00 34.79  ? 46 HIS A CD2 1 
ATOM   341 C CE1 . HIS A 1 43 ? 7.124   4.995   7.505   1.00 33.86  ? 46 HIS A CE1 1 
ATOM   342 N NE2 . HIS A 1 43 ? 7.923   3.969   7.218   1.00 34.10  ? 46 HIS A NE2 1 
ATOM   343 N N   . PHE A 1 44 ? 5.555   4.596   3.345   1.00 36.44  ? 47 PHE A N   1 
ATOM   344 C CA  . PHE A 1 44 ? 6.664   4.820   2.442   1.00 37.54  ? 47 PHE A CA  1 
ATOM   345 C C   . PHE A 1 44 ? 7.953   4.771   3.231   1.00 43.43  ? 47 PHE A C   1 
ATOM   346 O O   . PHE A 1 44 ? 8.126   5.537   4.181   1.00 43.53  ? 47 PHE A O   1 
ATOM   347 C CB  . PHE A 1 44 ? 6.503   6.156   1.735   1.00 39.22  ? 47 PHE A CB  1 
ATOM   348 C CG  . PHE A 1 44 ? 5.327   6.192   0.794   1.00 40.65  ? 47 PHE A CG  1 
ATOM   349 C CD1 . PHE A 1 44 ? 4.106   6.721   1.203   1.00 44.04  ? 47 PHE A CD1 1 
ATOM   350 C CD2 . PHE A 1 44 ? 5.443   5.722   -0.506  1.00 42.82  ? 47 PHE A CD2 1 
ATOM   351 C CE1 . PHE A 1 44 ? 3.021   6.774   0.328   1.00 45.59  ? 47 PHE A CE1 1 
ATOM   352 C CE2 . PHE A 1 44 ? 4.362   5.777   -1.383  1.00 46.46  ? 47 PHE A CE2 1 
ATOM   353 C CZ  . PHE A 1 44 ? 3.149   6.287   -0.955  1.00 45.01  ? 47 PHE A CZ  1 
ATOM   354 N N   . LYS A 1 45 ? 8.836   3.846   2.859   1.00 40.67  ? 48 LYS A N   1 
ATOM   355 C CA  . LYS A 1 45 ? 10.144  3.636   3.490   1.00 41.37  ? 48 LYS A CA  1 
ATOM   356 C C   . LYS A 1 45 ? 10.907  4.948   3.773   1.00 46.21  ? 48 LYS A C   1 
ATOM   357 O O   . LYS A 1 45 ? 11.117  5.765   2.864   1.00 44.77  ? 48 LYS A O   1 
ATOM   358 C CB  . LYS A 1 45 ? 10.993  2.707   2.599   1.00 45.10  ? 48 LYS A CB  1 
ATOM   359 N N   . ARG A 1 46 ? 11.270  5.154   5.062   1.00 44.92  ? 49 ARG A N   1 
ATOM   360 C CA  . ARG A 1 46 ? 12.069  6.262   5.627   1.00 45.26  ? 49 ARG A CA  1 
ATOM   361 C C   . ARG A 1 46 ? 11.323  7.617   5.696   1.00 49.08  ? 49 ARG A C   1 
ATOM   362 O O   . ARG A 1 46 ? 11.950  8.658   5.920   1.00 47.75  ? 49 ARG A O   1 
ATOM   363 C CB  . ARG A 1 46 ? 13.420  6.416   4.892   1.00 47.41  ? 49 ARG A CB  1 
ATOM   364 N N   . TRP A 1 47 ? 9.989   7.587   5.596   1.00 44.92  ? 50 TRP A N   1 
ATOM   365 C CA  . TRP A 1 47 ? 9.162   8.786   5.719   1.00 43.36  ? 50 TRP A CA  1 
ATOM   366 C C   . TRP A 1 47 ? 8.599   8.996   7.133   1.00 45.27  ? 50 TRP A C   1 
ATOM   367 O O   . TRP A 1 47 ? 8.460   8.047   7.923   1.00 44.56  ? 50 TRP A O   1 
ATOM   368 C CB  . TRP A 1 47 ? 7.961   8.675   4.780   1.00 41.86  ? 50 TRP A CB  1 
ATOM   369 C CG  . TRP A 1 47 ? 8.239   8.958   3.345   1.00 43.57  ? 50 TRP A CG  1 
ATOM   370 C CD1 . TRP A 1 47 ? 9.320   8.548   2.613   1.00 46.64  ? 50 TRP A CD1 1 
ATOM   371 C CD2 . TRP A 1 47 ? 7.309   9.498   2.413   1.00 44.07  ? 50 TRP A CD2 1 
ATOM   372 N NE1 . TRP A 1 47 ? 9.146   8.870   1.295   1.00 46.41  ? 50 TRP A NE1 1 
ATOM   373 C CE2 . TRP A 1 47 ? 7.921   9.464   1.141   1.00 47.94  ? 50 TRP A CE2 1 
ATOM   374 C CE3 . TRP A 1 47 ? 6.010   10.028  2.529   1.00 46.01  ? 50 TRP A CE3 1 
ATOM   375 C CZ2 . TRP A 1 47 ? 7.293   9.956   0.002   1.00 47.56  ? 50 TRP A CZ2 1 
ATOM   376 C CZ3 . TRP A 1 47 ? 5.401   10.549  1.402   1.00 48.06  ? 50 TRP A CZ3 1 
ATOM   377 C CH2 . TRP A 1 47 ? 6.049   10.529  0.161   1.00 48.84  ? 50 TRP A CH2 1 
ATOM   378 N N   . ASN A 1 48 ? 8.192   10.236  7.408   1.00 40.76  ? 51 ASN A N   1 
ATOM   379 C CA  . ASN A 1 48 ? 7.480   10.574  8.620   1.00 41.55  ? 51 ASN A CA  1 
ATOM   380 C C   . ASN A 1 48 ? 6.113   9.823   8.497   1.00 45.49  ? 51 ASN A C   1 
ATOM   381 O O   . ASN A 1 48 ? 5.482   9.872   7.413   1.00 44.37  ? 51 ASN A O   1 
ATOM   382 C CB  . ASN A 1 48 ? 7.273   12.087  8.710   1.00 43.28  ? 51 ASN A CB  1 
ATOM   383 N N   . HIS A 1 49 ? 5.715   9.066   9.582   1.00 39.40  ? 52 HIS A N   1 
ATOM   384 C CA  . HIS A 1 49 ? 4.483   8.270   9.636   1.00 37.59  ? 52 HIS A CA  1 
ATOM   385 C C   . HIS A 1 49 ? 3.265   9.149   9.557   1.00 37.90  ? 52 HIS A C   1 
ATOM   386 O O   . HIS A 1 49 ? 2.146   8.651   9.466   1.00 36.09  ? 52 HIS A O   1 
ATOM   387 C CB  . HIS A 1 49 ? 4.429   7.363   10.866  1.00 38.31  ? 52 HIS A CB  1 
ATOM   388 C CG  . HIS A 1 49 ? 5.387   6.223   10.818  1.00 42.33  ? 52 HIS A CG  1 
ATOM   389 N ND1 . HIS A 1 49 ? 4.958   4.930   10.557  1.00 44.69  ? 52 HIS A ND1 1 
ATOM   390 C CD2 . HIS A 1 49 ? 6.725   6.207   11.026  1.00 44.98  ? 52 HIS A CD2 1 
ATOM   391 C CE1 . HIS A 1 49 ? 6.038   4.168   10.632  1.00 44.81  ? 52 HIS A CE1 1 
ATOM   392 N NE2 . HIS A 1 49 ? 7.129   4.894   10.903  1.00 45.40  ? 52 HIS A NE2 1 
ATOM   393 N N   . ARG A 1 50 ? 3.501   10.467  9.524   1.00 35.34  ? 53 ARG A N   1 
ATOM   394 C CA  . ARG A 1 50 ? 2.509   11.514  9.347   1.00 36.45  ? 53 ARG A CA  1 
ATOM   395 C C   . ARG A 1 50 ? 1.948   11.389  7.928   1.00 39.44  ? 53 ARG A C   1 
ATOM   396 O O   . ARG A 1 50 ? 0.796   11.738  7.666   1.00 37.26  ? 53 ARG A O   1 
ATOM   397 C CB  . ARG A 1 50 ? 3.187   12.889  9.545   1.00 40.18  ? 53 ARG A CB  1 
ATOM   398 C CG  . ARG A 1 50 ? 2.310   14.083  9.224   1.00 51.50  ? 53 ARG A CG  1 
ATOM   399 C CD  . ARG A 1 50 ? 3.116   15.336  8.962   1.00 67.26  ? 53 ARG A CD  1 
ATOM   400 N NE  . ARG A 1 50 ? 2.239   16.393  8.458   1.00 87.29  ? 53 ARG A NE  1 
ATOM   401 C CZ  . ARG A 1 50 ? 2.571   17.678  8.366   1.00 109.13 ? 53 ARG A CZ  1 
ATOM   402 N NH1 . ARG A 1 50 ? 3.765   18.093  8.775   1.00 102.32 ? 53 ARG A NH1 1 
ATOM   403 N NH2 . ARG A 1 50 ? 1.703   18.561  7.889   1.00 94.64  ? 53 ARG A NH2 1 
ATOM   404 N N   . TYR A 1 51 ? 2.782   10.882  7.019   1.00 37.38  ? 54 TYR A N   1 
ATOM   405 C CA  . TYR A 1 51 ? 2.463   10.755  5.605   1.00 36.96  ? 54 TYR A CA  1 
ATOM   406 C C   . TYR A 1 51 ? 2.133   9.310   5.176   1.00 42.19  ? 54 TYR A C   1 
ATOM   407 O O   . TYR A 1 51 ? 2.103   9.014   3.970   1.00 44.20  ? 54 TYR A O   1 
ATOM   408 C CB  . TYR A 1 51 ? 3.612   11.343  4.783   1.00 38.41  ? 54 TYR A CB  1 
ATOM   409 C CG  . TYR A 1 51 ? 3.880   12.822  5.023   1.00 38.82  ? 54 TYR A CG  1 
ATOM   410 C CD1 . TYR A 1 51 ? 5.105   13.255  5.530   1.00 40.43  ? 54 TYR A CD1 1 
ATOM   411 C CD2 . TYR A 1 51 ? 2.953   13.791  4.638   1.00 39.25  ? 54 TYR A CD2 1 
ATOM   412 C CE1 . TYR A 1 51 ? 5.391   14.616  5.675   1.00 39.99  ? 54 TYR A CE1 1 
ATOM   413 C CE2 . TYR A 1 51 ? 3.227   15.152  4.776   1.00 40.19  ? 54 TYR A CE2 1 
ATOM   414 C CZ  . TYR A 1 51 ? 4.444   15.561  5.301   1.00 50.21  ? 54 TYR A CZ  1 
ATOM   415 O OH  . TYR A 1 51 ? 4.687   16.909  5.456   1.00 55.66  ? 54 TYR A OH  1 
ATOM   416 N N   . ASP A 1 52 ? 1.854   8.416   6.162   1.00 35.83  ? 55 ASP A N   1 
ATOM   417 C CA  . ASP A 1 52 ? 1.357   7.076   5.919   1.00 34.79  ? 55 ASP A CA  1 
ATOM   418 C C   . ASP A 1 52 ? -0.046  7.301   5.344   1.00 40.06  ? 55 ASP A C   1 
ATOM   419 O O   . ASP A 1 52 ? -0.664  8.326   5.646   1.00 38.41  ? 55 ASP A O   1 
ATOM   420 C CB  . ASP A 1 52 ? 1.301   6.237   7.207   1.00 36.05  ? 55 ASP A CB  1 
ATOM   421 C CG  . ASP A 1 52 ? 2.638   5.638   7.618   1.00 45.09  ? 55 ASP A CG  1 
ATOM   422 O OD1 . ASP A 1 52 ? 2.673   4.902   8.630   1.00 47.00  ? 55 ASP A OD1 1 
ATOM   423 O OD2 . ASP A 1 52 ? 3.652   5.936   6.953   1.00 46.77  ? 55 ASP A OD2 1 
ATOM   424 N N   . GLU A 1 53 ? -0.506  6.430   4.429   1.00 36.30  ? 56 GLU A N   1 
ATOM   425 C CA  . GLU A 1 53 ? -1.786  6.727   3.807   1.00 35.77  ? 56 GLU A CA  1 
ATOM   426 C C   . GLU A 1 53 ? -2.608  5.497   3.599   1.00 37.85  ? 56 GLU A C   1 
ATOM   427 O O   . GLU A 1 53 ? -2.046  4.419   3.393   1.00 38.05  ? 56 GLU A O   1 
ATOM   428 C CB  . GLU A 1 53 ? -1.513  7.398   2.454   1.00 37.51  ? 56 GLU A CB  1 
ATOM   429 C CG  . GLU A 1 53 ? -2.635  8.262   1.919   1.00 54.58  ? 56 GLU A CG  1 
ATOM   430 C CD  . GLU A 1 53 ? -2.196  9.234   0.844   1.00 83.13  ? 56 GLU A CD  1 
ATOM   431 O OE1 . GLU A 1 53 ? -1.415  8.833   -0.054  1.00 57.00  ? 56 GLU A OE1 1 
ATOM   432 O OE2 . GLU A 1 53 ? -2.631  10.410  0.910   1.00 83.22  ? 56 GLU A OE2 1 
ATOM   433 N N   . TRP A 1 54 ? -3.943  5.659   3.623   1.00 32.77  ? 57 TRP A N   1 
ATOM   434 C CA  . TRP A 1 54 ? -4.863  4.573   3.338   1.00 31.97  ? 57 TRP A CA  1 
ATOM   435 C C   . TRP A 1 54 ? -5.170  4.523   1.849   1.00 37.25  ? 57 TRP A C   1 
ATOM   436 O O   . TRP A 1 54 ? -5.566  5.516   1.231   1.00 38.11  ? 57 TRP A O   1 
ATOM   437 C CB  . TRP A 1 54 ? -6.150  4.687   4.144   1.00 29.97  ? 57 TRP A CB  1 
ATOM   438 C CG  . TRP A 1 54 ? -5.967  4.502   5.616   1.00 30.68  ? 57 TRP A CG  1 
ATOM   439 C CD1 . TRP A 1 54 ? -5.840  5.491   6.555   1.00 33.68  ? 57 TRP A CD1 1 
ATOM   440 C CD2 . TRP A 1 54 ? -5.930  3.257   6.334   1.00 30.22  ? 57 TRP A CD2 1 
ATOM   441 N NE1 . TRP A 1 54 ? -5.744  4.943   7.812   1.00 33.19  ? 57 TRP A NE1 1 
ATOM   442 C CE2 . TRP A 1 54 ? -5.812  3.573   7.712   1.00 34.83  ? 57 TRP A CE2 1 
ATOM   443 C CE3 . TRP A 1 54 ? -6.014  1.908   5.953   1.00 30.98  ? 57 TRP A CE3 1 
ATOM   444 C CZ2 . TRP A 1 54 ? -5.788  2.584   8.712   1.00 33.93  ? 57 TRP A CZ2 1 
ATOM   445 C CZ3 . TRP A 1 54 ? -6.036  0.930   6.945   1.00 32.97  ? 57 TRP A CZ3 1 
ATOM   446 C CH2 . TRP A 1 54 ? -5.942  1.269   8.306   1.00 33.75  ? 57 TRP A CH2 1 
ATOM   447 N N   . PHE A 1 55 ? -4.965  3.365   1.261   1.00 35.31  ? 58 PHE A N   1 
ATOM   448 C CA  . PHE A 1 55 ? -5.249  3.168   -0.146  1.00 35.08  ? 58 PHE A CA  1 
ATOM   449 C C   . PHE A 1 55 ? -6.231  2.071   -0.242  1.00 40.50  ? 58 PHE A C   1 
ATOM   450 O O   . PHE A 1 55 ? -6.081  1.072   0.476   1.00 39.68  ? 58 PHE A O   1 
ATOM   451 C CB  . PHE A 1 55 ? -3.991  2.690   -0.882  1.00 36.83  ? 58 PHE A CB  1 
ATOM   452 C CG  . PHE A 1 55 ? -2.956  3.728   -1.210  1.00 37.41  ? 58 PHE A CG  1 
ATOM   453 C CD1 . PHE A 1 55 ? -2.894  4.292   -2.481  1.00 40.13  ? 58 PHE A CD1 1 
ATOM   454 C CD2 . PHE A 1 55 ? -1.981  4.076   -0.283  1.00 38.50  ? 58 PHE A CD2 1 
ATOM   455 C CE1 . PHE A 1 55 ? -1.903  5.227   -2.799  1.00 40.82  ? 58 PHE A CE1 1 
ATOM   456 C CE2 . PHE A 1 55 ? -0.988  5.012   -0.601  1.00 40.55  ? 58 PHE A CE2 1 
ATOM   457 C CZ  . PHE A 1 55 ? -0.964  5.588   -1.852  1.00 38.58  ? 58 PHE A CZ  1 
ATOM   458 N N   . CYS A 1 56 ? -7.232  2.226   -1.131  1.00 38.13  ? 59 CYS A N   1 
ATOM   459 C CA  A CYS A 1 56 ? -8.186  1.159   -1.402  0.70 38.78  ? 59 CYS A CA  1 
ATOM   460 C CA  B CYS A 1 56 ? -8.191  1.161   -1.399  0.30 37.28  ? 59 CYS A CA  1 
ATOM   461 C C   . CYS A 1 56 ? -7.321  0.026   -1.963  1.00 42.48  ? 59 CYS A C   1 
ATOM   462 O O   . CYS A 1 56 ? -6.450  0.293   -2.793  1.00 42.47  ? 59 CYS A O   1 
ATOM   463 C CB  A CYS A 1 56 ? -9.229  1.617   -2.419  0.70 39.58  ? 59 CYS A CB  1 
ATOM   464 C CB  B CYS A 1 56 ? -9.246  1.619   -2.406  0.30 36.73  ? 59 CYS A CB  1 
ATOM   465 S SG  A CYS A 1 56 ? -10.091 0.259   -3.244  0.70 43.60  ? 59 CYS A SG  1 
ATOM   466 S SG  B CYS A 1 56 ? -10.275 3.001   -1.831  0.30 39.92  ? 59 CYS A SG  1 
ATOM   467 N N   . TRP A 1 57 ? -7.493  -1.217  -1.479  1.00 39.70  ? 60 TRP A N   1 
ATOM   468 C CA  . TRP A 1 57 ? -6.644  -2.336  -1.934  1.00 39.46  ? 60 TRP A CA  1 
ATOM   469 C C   . TRP A 1 57 ? -6.787  -2.680  -3.469  1.00 41.57  ? 60 TRP A C   1 
ATOM   470 O O   . TRP A 1 57 ? -6.018  -3.475  -3.998  1.00 39.53  ? 60 TRP A O   1 
ATOM   471 C CB  . TRP A 1 57 ? -6.828  -3.575  -1.025  1.00 38.34  ? 60 TRP A CB  1 
ATOM   472 C CG  . TRP A 1 57 ? -8.241  -4.076  -0.896  1.00 39.02  ? 60 TRP A CG  1 
ATOM   473 C CD1 . TRP A 1 57 ? -9.229  -4.007  -1.836  1.00 41.55  ? 60 TRP A CD1 1 
ATOM   474 C CD2 . TRP A 1 57 ? -8.792  -4.796  0.211   1.00 38.98  ? 60 TRP A CD2 1 
ATOM   475 N NE1 . TRP A 1 57 ? -10.371 -4.604  -1.370  1.00 40.90  ? 60 TRP A NE1 1 
ATOM   476 C CE2 . TRP A 1 57 ? -10.128 -5.124  -0.125  1.00 42.50  ? 60 TRP A CE2 1 
ATOM   477 C CE3 . TRP A 1 57 ? -8.309  -5.135  1.489   1.00 40.16  ? 60 TRP A CE3 1 
ATOM   478 C CZ2 . TRP A 1 57 ? -10.986 -5.791  0.764   1.00 41.45  ? 60 TRP A CZ2 1 
ATOM   479 C CZ3 . TRP A 1 57 ? -9.155  -5.798  2.366   1.00 41.87  ? 60 TRP A CZ3 1 
ATOM   480 C CH2 . TRP A 1 57 ? -10.485 -6.102  2.008   1.00 42.58  ? 60 TRP A CH2 1 
ATOM   481 N N   . ASP A 1 58 ? -7.728  -2.021  -4.166  1.00 38.56  ? 61 ASP A N   1 
ATOM   482 C CA  . ASP A 1 58 ? -7.965  -2.119  -5.609  1.00 38.33  ? 61 ASP A CA  1 
ATOM   483 C C   . ASP A 1 58 ? -7.296  -0.931  -6.343  1.00 42.15  ? 61 ASP A C   1 
ATOM   484 O O   . ASP A 1 58 ? -7.433  -0.819  -7.559  1.00 42.14  ? 61 ASP A O   1 
ATOM   485 C CB  . ASP A 1 58 ? -9.488  -2.014  -5.881  1.00 40.48  ? 61 ASP A CB  1 
ATOM   486 C CG  . ASP A 1 58 ? -10.314 -3.267  -5.719  1.00 54.63  ? 61 ASP A CG  1 
ATOM   487 O OD1 . ASP A 1 58 ? -9.720  -4.356  -5.504  1.00 54.44  ? 61 ASP A OD1 1 
ATOM   488 O OD2 . ASP A 1 58 ? -11.552 -3.179  -5.879  1.00 64.87  ? 61 ASP A OD2 1 
ATOM   489 N N   . SER A 1 59 ? -6.638  -0.013  -5.609  1.00 38.25  ? 62 SER A N   1 
ATOM   490 C CA  . SER A 1 59 ? -6.018  1.161   -6.206  1.00 38.63  ? 62 SER A CA  1 
ATOM   491 C C   . SER A 1 59 ? -4.940  0.820   -7.221  1.00 44.29  ? 62 SER A C   1 
ATOM   492 O O   . SER A 1 59 ? -4.056  -0.015  -6.949  1.00 44.28  ? 62 SER A O   1 
ATOM   493 C CB  . SER A 1 59 ? -5.438  2.106   -5.153  1.00 42.20  ? 62 SER A CB  1 
ATOM   494 O OG  . SER A 1 59 ? -5.351  3.432   -5.648  1.00 51.91  ? 62 SER A OG  1 
ATOM   495 N N   . PRO A 1 60 ? -4.974  1.516   -8.389  1.00 40.19  ? 63 PRO A N   1 
ATOM   496 C CA  . PRO A 1 60 ? -3.917  1.307   -9.388  1.00 38.91  ? 63 PRO A CA  1 
ATOM   497 C C   . PRO A 1 60 ? -2.619  2.035   -8.994  1.00 38.80  ? 63 PRO A C   1 
ATOM   498 O O   . PRO A 1 60 ? -1.620  1.929   -9.688  1.00 37.13  ? 63 PRO A O   1 
ATOM   499 C CB  . PRO A 1 60 ? -4.542  1.885   -10.653 1.00 40.69  ? 63 PRO A CB  1 
ATOM   500 C CG  . PRO A 1 60 ? -5.406  2.981   -10.168 1.00 45.09  ? 63 PRO A CG  1 
ATOM   501 C CD  . PRO A 1 60 ? -5.943  2.546   -8.840  1.00 40.93  ? 63 PRO A CD  1 
ATOM   502 N N   . TYR A 1 61 ? -2.633  2.737   -7.847  1.00 35.82  ? 64 TYR A N   1 
ATOM   503 C CA  . TYR A 1 61 ? -1.506  3.516   -7.327  1.00 34.81  ? 64 TYR A CA  1 
ATOM   504 C C   . TYR A 1 61 ? -0.654  2.701   -6.375  1.00 37.75  ? 64 TYR A C   1 
ATOM   505 O O   . TYR A 1 61 ? 0.212   3.230   -5.661  1.00 35.94  ? 64 TYR A O   1 
ATOM   506 C CB  . TYR A 1 61 ? -1.985  4.818   -6.706  1.00 35.19  ? 64 TYR A CB  1 
ATOM   507 C CG  . TYR A 1 61 ? -2.643  5.716   -7.728  1.00 37.01  ? 64 TYR A CG  1 
ATOM   508 C CD1 . TYR A 1 61 ? -1.885  6.411   -8.670  1.00 38.77  ? 64 TYR A CD1 1 
ATOM   509 C CD2 . TYR A 1 61 ? -4.025  5.852   -7.774  1.00 37.84  ? 64 TYR A CD2 1 
ATOM   510 C CE1 . TYR A 1 61 ? -2.493  7.227   -9.632  1.00 38.19  ? 64 TYR A CE1 1 
ATOM   511 C CE2 . TYR A 1 61 ? -4.643  6.653   -8.732  1.00 39.15  ? 64 TYR A CE2 1 
ATOM   512 C CZ  . TYR A 1 61 ? -3.875  7.334   -9.663  1.00 48.55  ? 64 TYR A CZ  1 
ATOM   513 O OH  . TYR A 1 61 ? -4.514  8.145   -10.574 1.00 53.65  ? 64 TYR A OH  1 
ATOM   514 N N   . LEU A 1 62 ? -0.891  1.390   -6.428  1.00 34.08  ? 65 LEU A N   1 
ATOM   515 C CA  . LEU A 1 62 ? -0.205  0.328   -5.733  1.00 33.99  ? 65 LEU A CA  1 
ATOM   516 C C   . LEU A 1 62 ? 0.276   -0.612  -6.825  1.00 38.20  ? 65 LEU A C   1 
ATOM   517 O O   . LEU A 1 62 ? -0.479  -0.922  -7.752  1.00 37.95  ? 65 LEU A O   1 
ATOM   518 C CB  . LEU A 1 62 ? -1.196  -0.424  -4.802  1.00 34.17  ? 65 LEU A CB  1 
ATOM   519 C CG  . LEU A 1 62 ? -1.671  0.328   -3.537  1.00 37.60  ? 65 LEU A CG  1 
ATOM   520 C CD1 . LEU A 1 62 ? -2.781  -0.424  -2.847  1.00 35.71  ? 65 LEU A CD1 1 
ATOM   521 C CD2 . LEU A 1 62 ? -0.520  0.589   -2.580  1.00 38.37  ? 65 LEU A CD2 1 
ATOM   522 N N   . ARG A 1 63 ? 1.505   -1.075  -6.728  1.00 35.16  ? 66 ARG A N   1 
ATOM   523 C CA  . ARG A 1 63 ? 2.008   -2.024  -7.712  1.00 35.63  ? 66 ARG A CA  1 
ATOM   524 C C   . ARG A 1 63 ? 3.017   -3.003  -7.083  1.00 40.60  ? 66 ARG A C   1 
ATOM   525 O O   . ARG A 1 63 ? 3.594   -2.669  -6.055  1.00 40.00  ? 66 ARG A O   1 
ATOM   526 C CB  . ARG A 1 63 ? 2.608   -1.283  -8.927  1.00 34.47  ? 66 ARG A CB  1 
ATOM   527 C CG  . ARG A 1 63 ? 3.921   -0.588  -8.651  1.00 41.38  ? 66 ARG A CG  1 
ATOM   528 C CD  . ARG A 1 63 ? 4.323   0.255   -9.820  1.00 38.46  ? 66 ARG A CD  1 
ATOM   529 N NE  . ARG A 1 63 ? 5.684   0.760   -9.670  1.00 41.12  ? 66 ARG A NE  1 
ATOM   530 C CZ  . ARG A 1 63 ? 6.332   1.408   -10.631 1.00 52.38  ? 66 ARG A CZ  1 
ATOM   531 N NH1 . ARG A 1 63 ? 5.735   1.659   -11.790 1.00 27.84  ? 66 ARG A NH1 1 
ATOM   532 N NH2 . ARG A 1 63 ? 7.579   1.816   -10.441 1.00 36.33  ? 66 ARG A NH2 1 
ATOM   533 N N   . PRO A 1 64 ? 3.294   -4.185  -7.681  1.00 39.43  ? 67 PRO A N   1 
ATOM   534 C CA  . PRO A 1 64 ? 4.330   -5.065  -7.102  1.00 40.15  ? 67 PRO A CA  1 
ATOM   535 C C   . PRO A 1 64 ? 5.682   -4.363  -6.936  1.00 47.26  ? 67 PRO A C   1 
ATOM   536 O O   . PRO A 1 64 ? 5.984   -3.405  -7.654  1.00 45.77  ? 67 PRO A O   1 
ATOM   537 C CB  . PRO A 1 64 ? 4.457   -6.198  -8.133  1.00 41.17  ? 67 PRO A CB  1 
ATOM   538 C CG  . PRO A 1 64 ? 3.743   -5.743  -9.328  1.00 44.10  ? 67 PRO A CG  1 
ATOM   539 C CD  . PRO A 1 64 ? 2.716   -4.776  -8.904  1.00 39.35  ? 67 PRO A CD  1 
ATOM   540 N N   . LEU A 1 65 ? 6.488   -4.831  -5.977  1.00 48.49  ? 68 LEU A N   1 
ATOM   541 C CA  . LEU A 1 65 ? 7.816   -4.245  -5.739  1.00 49.85  ? 68 LEU A CA  1 
ATOM   542 C C   . LEU A 1 65 ? 8.809   -4.750  -6.801  1.00 54.90  ? 68 LEU A C   1 
ATOM   543 O O   . LEU A 1 65 ? 9.837   -4.110  -7.025  1.00 55.39  ? 68 LEU A O   1 
ATOM   544 C CB  . LEU A 1 65 ? 8.299   -4.514  -4.282  1.00 49.91  ? 68 LEU A CB  1 
ATOM   545 C CG  . LEU A 1 65 ? 9.557   -3.783  -3.741  1.00 54.83  ? 68 LEU A CG  1 
ATOM   546 C CD1 . LEU A 1 65 ? 9.397   -2.286  -3.752  1.00 55.32  ? 68 LEU A CD1 1 
ATOM   547 C CD2 . LEU A 1 65 ? 9.836   -4.186  -2.327  1.00 56.24  ? 68 LEU A CD2 1 
ATOM   548 N N   . GLU A 1 66 ? 8.462   -5.865  -7.493  1.00 51.85  ? 69 GLU A N   1 
ATOM   549 C CA  . GLU A 1 66 ? 9.268   -6.477  -8.562  1.00 73.98  ? 69 GLU A CA  1 
ATOM   550 C C   . GLU A 1 66 ? 8.739   -6.098  -9.963  1.00 105.99 ? 69 GLU A C   1 
ATOM   551 O O   . GLU A 1 66 ? 7.773   -6.674  -10.472 1.00 67.09  ? 69 GLU A O   1 
ATOM   552 C CB  . GLU A 1 66 ? 9.349   -8.006  -8.389  1.00 75.10  ? 69 GLU A CB  1 
HETATM 553 X UNK . UNX B 2 .  ? -2.927  -9.041  7.787   1.00 30.00  ? 82 UNX A UNK 1 
HETATM 554 O O   . HOH C 3 .  ? -2.977  -10.335 -4.066  1.00 39.60  ? 83 HOH A O   1 
HETATM 555 O O   . HOH C 3 .  ? -3.322  -11.447 -0.838  1.00 31.68  ? 84 HOH A O   1 
HETATM 556 O O   . HOH C 3 .  ? -9.601  -11.870 -6.336  1.00 48.23  ? 85 HOH A O   1 
HETATM 557 O O   . HOH C 3 .  ? 7.742   -6.836  6.861   1.00 45.01  ? 86 HOH A O   1 
HETATM 558 O O   . HOH C 3 .  ? -5.143  8.428   4.294   1.00 40.78  ? 87 HOH A O   1 
# 
loop_
_pdbx_poly_seq_scheme.asym_id 
_pdbx_poly_seq_scheme.entity_id 
_pdbx_poly_seq_scheme.seq_id 
_pdbx_poly_seq_scheme.mon_id 
_pdbx_poly_seq_scheme.ndb_seq_num 
_pdbx_poly_seq_scheme.pdb_seq_num 
_pdbx_poly_seq_scheme.auth_seq_num 
_pdbx_poly_seq_scheme.pdb_mon_id 
_pdbx_poly_seq_scheme.auth_mon_id 
_pdbx_poly_seq_scheme.pdb_strand_id 
_pdbx_poly_seq_scheme.pdb_ins_code 
_pdbx_poly_seq_scheme.hetero 
A 1 1  HIS 1  4  4  HIS HIS A . n 
A 1 2  PRO 2  5  5  PRO PRO A . n 
A 1 3  PRO 3  6  6  PRO PRO A . n 
A 1 4  ASN 4  7  7  ASN ASN A . n 
A 1 5  ARG 5  8  8  ARG ARG A . n 
A 1 6  ARG 6  9  9  ARG ARG A . n 
A 1 7  GLY 7  10 10 GLY GLY A . n 
A 1 8  ILE 8  11 11 ILE ILE A . n 
A 1 9  SER 9  12 12 SER SER A . n 
A 1 10 PHE 10 13 13 PHE PHE A . n 
A 1 11 GLU 11 14 14 GLU GLU A . n 
A 1 12 VAL 12 15 15 VAL VAL A . n 
A 1 13 GLY 13 16 16 GLY GLY A . n 
A 1 14 ALA 14 17 17 ALA ALA A . n 
A 1 15 GLN 15 18 18 GLN GLN A . n 
A 1 16 LEU 16 19 19 LEU LEU A . n 
A 1 17 GLU 17 20 20 GLU GLU A . n 
A 1 18 ALA 18 21 21 ALA ALA A . n 
A 1 19 ARG 19 22 22 ARG ARG A . n 
A 1 20 ASP 20 23 23 ASP ASP A . n 
A 1 21 ARG 21 24 24 ARG ARG A . n 
A 1 22 LEU 22 25 25 LEU LEU A . n 
A 1 23 LYS 23 26 26 LYS LYS A . n 
A 1 24 ASN 24 27 27 ASN ASN A . n 
A 1 25 TRP 25 28 28 TRP TRP A . n 
A 1 26 TYR 26 29 29 TYR TYR A . n 
A 1 27 PRO 27 30 30 PRO PRO A . n 
A 1 28 ALA 28 31 31 ALA ALA A . n 
A 1 29 HIS 29 32 32 HIS HIS A . n 
A 1 30 ILE 30 33 33 ILE ILE A . n 
A 1 31 GLU 31 34 34 GLU GLU A . n 
A 1 32 ASP 32 35 35 ASP ASP A . n 
A 1 33 ILE 33 36 36 ILE ILE A . n 
A 1 34 ASP 34 37 37 ASP ASP A . n 
A 1 35 TYR 35 38 38 TYR TYR A . n 
A 1 36 GLU 36 39 39 GLU GLU A . n 
A 1 37 GLU 37 40 40 GLU GLU A . n 
A 1 38 GLY 38 41 41 GLY GLY A . n 
A 1 39 LYS 39 42 42 LYS LYS A . n 
A 1 40 VAL 40 43 43 VAL VAL A . n 
A 1 41 LEU 41 44 44 LEU LEU A . n 
A 1 42 ILE 42 45 45 ILE ILE A . n 
A 1 43 HIS 43 46 46 HIS HIS A . n 
A 1 44 PHE 44 47 47 PHE PHE A . n 
A 1 45 LYS 45 48 48 LYS LYS A . n 
A 1 46 ARG 46 49 49 ARG ARG A . n 
A 1 47 TRP 47 50 50 TRP TRP A . n 
A 1 48 ASN 48 51 51 ASN ASN A . n 
A 1 49 HIS 49 52 52 HIS HIS A . n 
A 1 50 ARG 50 53 53 ARG ARG A . n 
A 1 51 TYR 51 54 54 TYR TYR A . n 
A 1 52 ASP 52 55 55 ASP ASP A . n 
A 1 53 GLU 53 56 56 GLU GLU A . n 
A 1 54 TRP 54 57 57 TRP TRP A . n 
A 1 55 PHE 55 58 58 PHE PHE A . n 
A 1 56 CYS 56 59 59 CYS CYS A . n 
A 1 57 TRP 57 60 60 TRP TRP A . n 
A 1 58 ASP 58 61 61 ASP ASP A . n 
A 1 59 SER 59 62 62 SER SER A . n 
A 1 60 PRO 60 63 63 PRO PRO A . n 
A 1 61 TYR 61 64 64 TYR TYR A . n 
A 1 62 LEU 62 65 65 LEU LEU A . n 
A 1 63 ARG 63 66 66 ARG ARG A . n 
A 1 64 PRO 64 67 67 PRO PRO A . n 
A 1 65 LEU 65 68 68 LEU LEU A . n 
A 1 66 GLU 66 69 69 GLU GLU A . n 
# 
_pdbx_SG_project.id                    1 
_pdbx_SG_project.project_name          ? 
_pdbx_SG_project.full_name_of_center   'Structural Genomics Consortium' 
_pdbx_SG_project.initial_of_center     SGC 
# 
loop_
_pdbx_nonpoly_scheme.asym_id 
_pdbx_nonpoly_scheme.entity_id 
_pdbx_nonpoly_scheme.mon_id 
_pdbx_nonpoly_scheme.ndb_seq_num 
_pdbx_nonpoly_scheme.pdb_seq_num 
_pdbx_nonpoly_scheme.auth_seq_num 
_pdbx_nonpoly_scheme.pdb_mon_id 
_pdbx_nonpoly_scheme.auth_mon_id 
_pdbx_nonpoly_scheme.pdb_strand_id 
_pdbx_nonpoly_scheme.pdb_ins_code 
B 2 UNX 1 82 1 UNX UNX A . 
C 3 HOH 1 83 1 HOH HOH A . 
C 3 HOH 2 84 2 HOH HOH A . 
C 3 HOH 3 85 3 HOH HOH A . 
C 3 HOH 4 86 4 HOH HOH A . 
C 3 HOH 5 87 5 HOH HOH A . 
# 
_pdbx_struct_assembly.id                   1 
_pdbx_struct_assembly.details              software_defined_assembly 
_pdbx_struct_assembly.method_details       PISA 
_pdbx_struct_assembly.oligomeric_details   dimeric 
_pdbx_struct_assembly.oligomeric_count     2 
# 
_pdbx_struct_assembly_gen.assembly_id       1 
_pdbx_struct_assembly_gen.oper_expression   1,2 
_pdbx_struct_assembly_gen.asym_id_list      A,B,C 
# 
loop_
_pdbx_struct_assembly_prop.biol_id 
_pdbx_struct_assembly_prop.type 
_pdbx_struct_assembly_prop.value 
_pdbx_struct_assembly_prop.details 
1 'ABSA (A^2)' 800  ? 
1 MORE         -7   ? 
1 'SSA (A^2)'  7790 ? 
# 
loop_
_pdbx_struct_oper_list.id 
_pdbx_struct_oper_list.type 
_pdbx_struct_oper_list.name 
_pdbx_struct_oper_list.symmetry_operation 
_pdbx_struct_oper_list.matrix[1][1] 
_pdbx_struct_oper_list.matrix[1][2] 
_pdbx_struct_oper_list.matrix[1][3] 
_pdbx_struct_oper_list.vector[1] 
_pdbx_struct_oper_list.matrix[2][1] 
_pdbx_struct_oper_list.matrix[2][2] 
_pdbx_struct_oper_list.matrix[2][3] 
_pdbx_struct_oper_list.vector[2] 
_pdbx_struct_oper_list.matrix[3][1] 
_pdbx_struct_oper_list.matrix[3][2] 
_pdbx_struct_oper_list.matrix[3][3] 
_pdbx_struct_oper_list.vector[3] 
1 'identity operation'         1_555 x,y,z   1.0000000000  0.0000000000  0.0000000000  0.0000000000  0.0000000000  1.0000000000  0.0000000000 0.0000000000  0.0000000000  0.0000000000 1.0000000000 0.0000000000  
2 'crystal symmetry operation' 2_555 -x,y,-z -0.9792779077 -0.0439854680 -0.1976867677 21.8280529247 -0.0439854680 -0.9066348433 0.4196171344 17.8897694784 -0.1976867677 0.4196171344 0.8859127510 -1.6924094579 
# 
loop_
_pdbx_audit_revision_history.ordinal 
_pdbx_audit_revision_history.data_content_type 
_pdbx_audit_revision_history.major_revision 
_pdbx_audit_revision_history.minor_revision 
_pdbx_audit_revision_history.revision_date 
1 'Structure model' 1 0 2011-02-09 
2 'Structure model' 1 1 2011-07-13 
3 'Structure model' 1 2 2012-05-09 
4 'Structure model' 1 3 2017-11-08 
5 'Structure model' 1 4 2023-09-13 
# 
_pdbx_audit_revision_details.ordinal             1 
_pdbx_audit_revision_details.revision_ordinal    1 
_pdbx_audit_revision_details.data_content_type   'Structure model' 
_pdbx_audit_revision_details.provider            repository 
_pdbx_audit_revision_details.type                'Initial release' 
_pdbx_audit_revision_details.description         ? 
_pdbx_audit_revision_details.details             ? 
# 
loop_
_pdbx_audit_revision_group.ordinal 
_pdbx_audit_revision_group.revision_ordinal 
_pdbx_audit_revision_group.data_content_type 
_pdbx_audit_revision_group.group 
1 2 'Structure model' 'Version format compliance' 
2 3 'Structure model' 'Database references'       
3 4 'Structure model' 'Refinement description'    
4 5 'Structure model' 'Data collection'           
5 5 'Structure model' 'Database references'       
6 5 'Structure model' 'Refinement description'    
# 
loop_
_pdbx_audit_revision_category.ordinal 
_pdbx_audit_revision_category.revision_ordinal 
_pdbx_audit_revision_category.data_content_type 
_pdbx_audit_revision_category.category 
1 4 'Structure model' software                      
2 5 'Structure model' chem_comp_atom                
3 5 'Structure model' chem_comp_bond                
4 5 'Structure model' database_2                    
5 5 'Structure model' diffrn_source                 
6 5 'Structure model' pdbx_initial_refinement_model 
# 
loop_
_pdbx_audit_revision_item.ordinal 
_pdbx_audit_revision_item.revision_ordinal 
_pdbx_audit_revision_item.data_content_type 
_pdbx_audit_revision_item.item 
1 5 'Structure model' '_database_2.pdbx_DOI'                
2 5 'Structure model' '_database_2.pdbx_database_accession' 
3 5 'Structure model' '_diffrn_source.type'                 
# 
_phasing.method   MR 
# 
loop_
_software.pdbx_ordinal 
_software.name 
_software.version 
_software.date 
_software.type 
_software.contact_author 
_software.contact_author_email 
_software.classification 
_software.location 
_software.language 
_software.citation_id 
1 DENZO           .              ?               package 'Zbyszek Otwinowski' hkl@hkl-xray.com                 'data reduction'  
http://www.hkl-xray.com/                    ?   ? 
2 SCALEPACK       .              ?               package 'Zbyszek Otwinowski' hkl@hkl-xray.com                 'data scaling'    
http://www.hkl-xray.com/                    ?   ? 
3 PHASER          .              ?               program 'Randy J. Read'      cimr-phaser@lists.cam.ac.uk      phasing           
http://www-structmed.cimr.cam.ac.uk/phaser/ ?   ? 
4 BUSTER-TNT      'BUSTER 2.8.0' ?               program 'Gerard Bricogne'    buster-develop@GlobalPhasing.com refinement        
http://www.globalphasing.com/buster/        ?   ? 
5 PDB_EXTRACT     3.10           'June 10, 2010' package PDB                  deposit@deposit.rcsb.org         'data extraction' 
http://sw-tools.pdb.org/apps/PDB_EXTRACT/   C++ ? 
6 StructureStudio .              ?               ?       ?                    ?                                'data collection' ? 
?   ? 
7 HKL-2000        .              ?               ?       ?                    ?                                'data reduction'  ? 
?   ? 
8 HKL-2000        .              ?               ?       ?                    ?                                'data scaling'    ? 
?   ? 
9 BUSTER          2.8.0          ?               ?       ?                    ?                                refinement        ? 
?   ? 
# 
_pdbx_entry_details.entry_id                 3Q1J 
_pdbx_entry_details.nonpolymer_details       ? 
_pdbx_entry_details.sequence_details         
;THE INITIAL SEQUENCE OF THE PROTEIN HAS THE FOLLOWING SEQUENCE,
MHHHHHHSSRENLYFQGMTKHPPNRRGISFEVGAQLEARDRLKNWYPAH
IEDIDYEEGKVLIHFKRWNHRYDEWFCWDSPYLRPLEKIQLRKEGLHEE
AUTHORS STATE THAT THE PROTEIN WAS LIKELY DEGRADED SPONTANEOUSLY 
PRIOR TO CRYSTALLIZATION. WITH UNCLEAR DEGRADATION SITE, THE 
CURRENT SEQRES REPRESENTES ONLY THE PROTEIN PORTION WITH VISIBLE 
ELECTRON DENSITY.
;
_pdbx_entry_details.compound_details         ? 
_pdbx_entry_details.source_details           ? 
_pdbx_entry_details.has_ligand_of_interest   ? 
# 
_pdbx_validate_torsion.id              1 
_pdbx_validate_torsion.PDB_model_num   1 
_pdbx_validate_torsion.auth_comp_id    LEU 
_pdbx_validate_torsion.auth_asym_id    A 
_pdbx_validate_torsion.auth_seq_id     19 
_pdbx_validate_torsion.PDB_ins_code    ? 
_pdbx_validate_torsion.label_alt_id    ? 
_pdbx_validate_torsion.phi             -163.06 
_pdbx_validate_torsion.psi             -167.25 
# 
loop_
_pdbx_unobs_or_zero_occ_atoms.id 
_pdbx_unobs_or_zero_occ_atoms.PDB_model_num 
_pdbx_unobs_or_zero_occ_atoms.polymer_flag 
_pdbx_unobs_or_zero_occ_atoms.occupancy_flag 
_pdbx_unobs_or_zero_occ_atoms.auth_asym_id 
_pdbx_unobs_or_zero_occ_atoms.auth_comp_id 
_pdbx_unobs_or_zero_occ_atoms.auth_seq_id 
_pdbx_unobs_or_zero_occ_atoms.PDB_ins_code 
_pdbx_unobs_or_zero_occ_atoms.auth_atom_id 
_pdbx_unobs_or_zero_occ_atoms.label_alt_id 
_pdbx_unobs_or_zero_occ_atoms.label_asym_id 
_pdbx_unobs_or_zero_occ_atoms.label_comp_id 
_pdbx_unobs_or_zero_occ_atoms.label_seq_id 
_pdbx_unobs_or_zero_occ_atoms.label_atom_id 
1  1 Y 1 A HIS 4  ? CG  ? A HIS 1  CG  
2  1 Y 1 A HIS 4  ? ND1 ? A HIS 1  ND1 
3  1 Y 1 A HIS 4  ? CD2 ? A HIS 1  CD2 
4  1 Y 1 A HIS 4  ? CE1 ? A HIS 1  CE1 
5  1 Y 1 A HIS 4  ? NE2 ? A HIS 1  NE2 
6  1 Y 1 A ARG 9  ? CG  ? A ARG 6  CG  
7  1 Y 1 A ARG 9  ? CD  ? A ARG 6  CD  
8  1 Y 1 A ARG 9  ? NE  ? A ARG 6  NE  
9  1 Y 1 A ARG 9  ? CZ  ? A ARG 6  CZ  
10 1 Y 1 A ARG 9  ? NH1 ? A ARG 6  NH1 
11 1 Y 1 A ARG 9  ? NH2 ? A ARG 6  NH2 
12 1 Y 1 A ARG 24 ? CG  ? A ARG 21 CG  
13 1 Y 1 A ARG 24 ? CD  ? A ARG 21 CD  
14 1 Y 1 A ARG 24 ? NE  ? A ARG 21 NE  
15 1 Y 1 A ARG 24 ? CZ  ? A ARG 21 CZ  
16 1 Y 1 A ARG 24 ? NH1 ? A ARG 21 NH1 
17 1 Y 1 A ARG 24 ? NH2 ? A ARG 21 NH2 
18 1 Y 1 A LYS 48 ? CG  ? A LYS 45 CG  
19 1 Y 1 A LYS 48 ? CD  ? A LYS 45 CD  
20 1 Y 1 A LYS 48 ? CE  ? A LYS 45 CE  
21 1 Y 1 A LYS 48 ? NZ  ? A LYS 45 NZ  
22 1 Y 1 A ARG 49 ? CG  ? A ARG 46 CG  
23 1 Y 1 A ARG 49 ? CD  ? A ARG 46 CD  
24 1 Y 1 A ARG 49 ? NE  ? A ARG 46 NE  
25 1 Y 1 A ARG 49 ? CZ  ? A ARG 46 CZ  
26 1 Y 1 A ARG 49 ? NH1 ? A ARG 46 NH1 
27 1 Y 1 A ARG 49 ? NH2 ? A ARG 46 NH2 
28 1 Y 1 A ASN 51 ? CG  ? A ASN 48 CG  
29 1 Y 1 A ASN 51 ? OD1 ? A ASN 48 OD1 
30 1 Y 1 A ASN 51 ? ND2 ? A ASN 48 ND2 
31 1 Y 1 A GLU 69 ? CG  ? A GLU 66 CG  
32 1 Y 1 A GLU 69 ? CD  ? A GLU 66 CD  
33 1 Y 1 A GLU 69 ? OE1 ? A GLU 66 OE1 
34 1 Y 1 A GLU 69 ? OE2 ? A GLU 66 OE2 
# 
loop_
_chem_comp_atom.comp_id 
_chem_comp_atom.atom_id 
_chem_comp_atom.type_symbol 
_chem_comp_atom.pdbx_aromatic_flag 
_chem_comp_atom.pdbx_stereo_config 
_chem_comp_atom.pdbx_ordinal 
ALA N    N N N 1   
ALA CA   C N S 2   
ALA C    C N N 3   
ALA O    O N N 4   
ALA CB   C N N 5   
ALA OXT  O N N 6   
ALA H    H N N 7   
ALA H2   H N N 8   
ALA HA   H N N 9   
ALA HB1  H N N 10  
ALA HB2  H N N 11  
ALA HB3  H N N 12  
ALA HXT  H N N 13  
ARG N    N N N 14  
ARG CA   C N S 15  
ARG C    C N N 16  
ARG O    O N N 17  
ARG CB   C N N 18  
ARG CG   C N N 19  
ARG CD   C N N 20  
ARG NE   N N N 21  
ARG CZ   C N N 22  
ARG NH1  N N N 23  
ARG NH2  N N N 24  
ARG OXT  O N N 25  
ARG H    H N N 26  
ARG H2   H N N 27  
ARG HA   H N N 28  
ARG HB2  H N N 29  
ARG HB3  H N N 30  
ARG HG2  H N N 31  
ARG HG3  H N N 32  
ARG HD2  H N N 33  
ARG HD3  H N N 34  
ARG HE   H N N 35  
ARG HH11 H N N 36  
ARG HH12 H N N 37  
ARG HH21 H N N 38  
ARG HH22 H N N 39  
ARG HXT  H N N 40  
ASN N    N N N 41  
ASN CA   C N S 42  
ASN C    C N N 43  
ASN O    O N N 44  
ASN CB   C N N 45  
ASN CG   C N N 46  
ASN OD1  O N N 47  
ASN ND2  N N N 48  
ASN OXT  O N N 49  
ASN H    H N N 50  
ASN H2   H N N 51  
ASN HA   H N N 52  
ASN HB2  H N N 53  
ASN HB3  H N N 54  
ASN HD21 H N N 55  
ASN HD22 H N N 56  
ASN HXT  H N N 57  
ASP N    N N N 58  
ASP CA   C N S 59  
ASP C    C N N 60  
ASP O    O N N 61  
ASP CB   C N N 62  
ASP CG   C N N 63  
ASP OD1  O N N 64  
ASP OD2  O N N 65  
ASP OXT  O N N 66  
ASP H    H N N 67  
ASP H2   H N N 68  
ASP HA   H N N 69  
ASP HB2  H N N 70  
ASP HB3  H N N 71  
ASP HD2  H N N 72  
ASP HXT  H N N 73  
CYS N    N N N 74  
CYS CA   C N R 75  
CYS C    C N N 76  
CYS O    O N N 77  
CYS CB   C N N 78  
CYS SG   S N N 79  
CYS OXT  O N N 80  
CYS H    H N N 81  
CYS H2   H N N 82  
CYS HA   H N N 83  
CYS HB2  H N N 84  
CYS HB3  H N N 85  
CYS HG   H N N 86  
CYS HXT  H N N 87  
GLN N    N N N 88  
GLN CA   C N S 89  
GLN C    C N N 90  
GLN O    O N N 91  
GLN CB   C N N 92  
GLN CG   C N N 93  
GLN CD   C N N 94  
GLN OE1  O N N 95  
GLN NE2  N N N 96  
GLN OXT  O N N 97  
GLN H    H N N 98  
GLN H2   H N N 99  
GLN HA   H N N 100 
GLN HB2  H N N 101 
GLN HB3  H N N 102 
GLN HG2  H N N 103 
GLN HG3  H N N 104 
GLN HE21 H N N 105 
GLN HE22 H N N 106 
GLN HXT  H N N 107 
GLU N    N N N 108 
GLU CA   C N S 109 
GLU C    C N N 110 
GLU O    O N N 111 
GLU CB   C N N 112 
GLU CG   C N N 113 
GLU CD   C N N 114 
GLU OE1  O N N 115 
GLU OE2  O N N 116 
GLU OXT  O N N 117 
GLU H    H N N 118 
GLU H2   H N N 119 
GLU HA   H N N 120 
GLU HB2  H N N 121 
GLU HB3  H N N 122 
GLU HG2  H N N 123 
GLU HG3  H N N 124 
GLU HE2  H N N 125 
GLU HXT  H N N 126 
GLY N    N N N 127 
GLY CA   C N N 128 
GLY C    C N N 129 
GLY O    O N N 130 
GLY OXT  O N N 131 
GLY H    H N N 132 
GLY H2   H N N 133 
GLY HA2  H N N 134 
GLY HA3  H N N 135 
GLY HXT  H N N 136 
HIS N    N N N 137 
HIS CA   C N S 138 
HIS C    C N N 139 
HIS O    O N N 140 
HIS CB   C N N 141 
HIS CG   C Y N 142 
HIS ND1  N Y N 143 
HIS CD2  C Y N 144 
HIS CE1  C Y N 145 
HIS NE2  N Y N 146 
HIS OXT  O N N 147 
HIS H    H N N 148 
HIS H2   H N N 149 
HIS HA   H N N 150 
HIS HB2  H N N 151 
HIS HB3  H N N 152 
HIS HD1  H N N 153 
HIS HD2  H N N 154 
HIS HE1  H N N 155 
HIS HE2  H N N 156 
HIS HXT  H N N 157 
HOH O    O N N 158 
HOH H1   H N N 159 
HOH H2   H N N 160 
ILE N    N N N 161 
ILE CA   C N S 162 
ILE C    C N N 163 
ILE O    O N N 164 
ILE CB   C N S 165 
ILE CG1  C N N 166 
ILE CG2  C N N 167 
ILE CD1  C N N 168 
ILE OXT  O N N 169 
ILE H    H N N 170 
ILE H2   H N N 171 
ILE HA   H N N 172 
ILE HB   H N N 173 
ILE HG12 H N N 174 
ILE HG13 H N N 175 
ILE HG21 H N N 176 
ILE HG22 H N N 177 
ILE HG23 H N N 178 
ILE HD11 H N N 179 
ILE HD12 H N N 180 
ILE HD13 H N N 181 
ILE HXT  H N N 182 
LEU N    N N N 183 
LEU CA   C N S 184 
LEU C    C N N 185 
LEU O    O N N 186 
LEU CB   C N N 187 
LEU CG   C N N 188 
LEU CD1  C N N 189 
LEU CD2  C N N 190 
LEU OXT  O N N 191 
LEU H    H N N 192 
LEU H2   H N N 193 
LEU HA   H N N 194 
LEU HB2  H N N 195 
LEU HB3  H N N 196 
LEU HG   H N N 197 
LEU HD11 H N N 198 
LEU HD12 H N N 199 
LEU HD13 H N N 200 
LEU HD21 H N N 201 
LEU HD22 H N N 202 
LEU HD23 H N N 203 
LEU HXT  H N N 204 
LYS N    N N N 205 
LYS CA   C N S 206 
LYS C    C N N 207 
LYS O    O N N 208 
LYS CB   C N N 209 
LYS CG   C N N 210 
LYS CD   C N N 211 
LYS CE   C N N 212 
LYS NZ   N N N 213 
LYS OXT  O N N 214 
LYS H    H N N 215 
LYS H2   H N N 216 
LYS HA   H N N 217 
LYS HB2  H N N 218 
LYS HB3  H N N 219 
LYS HG2  H N N 220 
LYS HG3  H N N 221 
LYS HD2  H N N 222 
LYS HD3  H N N 223 
LYS HE2  H N N 224 
LYS HE3  H N N 225 
LYS HZ1  H N N 226 
LYS HZ2  H N N 227 
LYS HZ3  H N N 228 
LYS HXT  H N N 229 
PHE N    N N N 230 
PHE CA   C N S 231 
PHE C    C N N 232 
PHE O    O N N 233 
PHE CB   C N N 234 
PHE CG   C Y N 235 
PHE CD1  C Y N 236 
PHE CD2  C Y N 237 
PHE CE1  C Y N 238 
PHE CE2  C Y N 239 
PHE CZ   C Y N 240 
PHE OXT  O N N 241 
PHE H    H N N 242 
PHE H2   H N N 243 
PHE HA   H N N 244 
PHE HB2  H N N 245 
PHE HB3  H N N 246 
PHE HD1  H N N 247 
PHE HD2  H N N 248 
PHE HE1  H N N 249 
PHE HE2  H N N 250 
PHE HZ   H N N 251 
PHE HXT  H N N 252 
PRO N    N N N 253 
PRO CA   C N S 254 
PRO C    C N N 255 
PRO O    O N N 256 
PRO CB   C N N 257 
PRO CG   C N N 258 
PRO CD   C N N 259 
PRO OXT  O N N 260 
PRO H    H N N 261 
PRO HA   H N N 262 
PRO HB2  H N N 263 
PRO HB3  H N N 264 
PRO HG2  H N N 265 
PRO HG3  H N N 266 
PRO HD2  H N N 267 
PRO HD3  H N N 268 
PRO HXT  H N N 269 
SER N    N N N 270 
SER CA   C N S 271 
SER C    C N N 272 
SER O    O N N 273 
SER CB   C N N 274 
SER OG   O N N 275 
SER OXT  O N N 276 
SER H    H N N 277 
SER H2   H N N 278 
SER HA   H N N 279 
SER HB2  H N N 280 
SER HB3  H N N 281 
SER HG   H N N 282 
SER HXT  H N N 283 
TRP N    N N N 284 
TRP CA   C N S 285 
TRP C    C N N 286 
TRP O    O N N 287 
TRP CB   C N N 288 
TRP CG   C Y N 289 
TRP CD1  C Y N 290 
TRP CD2  C Y N 291 
TRP NE1  N Y N 292 
TRP CE2  C Y N 293 
TRP CE3  C Y N 294 
TRP CZ2  C Y N 295 
TRP CZ3  C Y N 296 
TRP CH2  C Y N 297 
TRP OXT  O N N 298 
TRP H    H N N 299 
TRP H2   H N N 300 
TRP HA   H N N 301 
TRP HB2  H N N 302 
TRP HB3  H N N 303 
TRP HD1  H N N 304 
TRP HE1  H N N 305 
TRP HE3  H N N 306 
TRP HZ2  H N N 307 
TRP HZ3  H N N 308 
TRP HH2  H N N 309 
TRP HXT  H N N 310 
TYR N    N N N 311 
TYR CA   C N S 312 
TYR C    C N N 313 
TYR O    O N N 314 
TYR CB   C N N 315 
TYR CG   C Y N 316 
TYR CD1  C Y N 317 
TYR CD2  C Y N 318 
TYR CE1  C Y N 319 
TYR CE2  C Y N 320 
TYR CZ   C Y N 321 
TYR OH   O N N 322 
TYR OXT  O N N 323 
TYR H    H N N 324 
TYR H2   H N N 325 
TYR HA   H N N 326 
TYR HB2  H N N 327 
TYR HB3  H N N 328 
TYR HD1  H N N 329 
TYR HD2  H N N 330 
TYR HE1  H N N 331 
TYR HE2  H N N 332 
TYR HH   H N N 333 
TYR HXT  H N N 334 
VAL N    N N N 335 
VAL CA   C N S 336 
VAL C    C N N 337 
VAL O    O N N 338 
VAL CB   C N N 339 
VAL CG1  C N N 340 
VAL CG2  C N N 341 
VAL OXT  O N N 342 
VAL H    H N N 343 
VAL H2   H N N 344 
VAL HA   H N N 345 
VAL HB   H N N 346 
VAL HG11 H N N 347 
VAL HG12 H N N 348 
VAL HG13 H N N 349 
VAL HG21 H N N 350 
VAL HG22 H N N 351 
VAL HG23 H N N 352 
VAL HXT  H N N 353 
# 
loop_
_chem_comp_bond.comp_id 
_chem_comp_bond.atom_id_1 
_chem_comp_bond.atom_id_2 
_chem_comp_bond.value_order 
_chem_comp_bond.pdbx_aromatic_flag 
_chem_comp_bond.pdbx_stereo_config 
_chem_comp_bond.pdbx_ordinal 
ALA N   CA   sing N N 1   
ALA N   H    sing N N 2   
ALA N   H2   sing N N 3   
ALA CA  C    sing N N 4   
ALA CA  CB   sing N N 5   
ALA CA  HA   sing N N 6   
ALA C   O    doub N N 7   
ALA C   OXT  sing N N 8   
ALA CB  HB1  sing N N 9   
ALA CB  HB2  sing N N 10  
ALA CB  HB3  sing N N 11  
ALA OXT HXT  sing N N 12  
ARG N   CA   sing N N 13  
ARG N   H    sing N N 14  
ARG N   H2   sing N N 15  
ARG CA  C    sing N N 16  
ARG CA  CB   sing N N 17  
ARG CA  HA   sing N N 18  
ARG C   O    doub N N 19  
ARG C   OXT  sing N N 20  
ARG CB  CG   sing N N 21  
ARG CB  HB2  sing N N 22  
ARG CB  HB3  sing N N 23  
ARG CG  CD   sing N N 24  
ARG CG  HG2  sing N N 25  
ARG CG  HG3  sing N N 26  
ARG CD  NE   sing N N 27  
ARG CD  HD2  sing N N 28  
ARG CD  HD3  sing N N 29  
ARG NE  CZ   sing N N 30  
ARG NE  HE   sing N N 31  
ARG CZ  NH1  sing N N 32  
ARG CZ  NH2  doub N N 33  
ARG NH1 HH11 sing N N 34  
ARG NH1 HH12 sing N N 35  
ARG NH2 HH21 sing N N 36  
ARG NH2 HH22 sing N N 37  
ARG OXT HXT  sing N N 38  
ASN N   CA   sing N N 39  
ASN N   H    sing N N 40  
ASN N   H2   sing N N 41  
ASN CA  C    sing N N 42  
ASN CA  CB   sing N N 43  
ASN CA  HA   sing N N 44  
ASN C   O    doub N N 45  
ASN C   OXT  sing N N 46  
ASN CB  CG   sing N N 47  
ASN CB  HB2  sing N N 48  
ASN CB  HB3  sing N N 49  
ASN CG  OD1  doub N N 50  
ASN CG  ND2  sing N N 51  
ASN ND2 HD21 sing N N 52  
ASN ND2 HD22 sing N N 53  
ASN OXT HXT  sing N N 54  
ASP N   CA   sing N N 55  
ASP N   H    sing N N 56  
ASP N   H2   sing N N 57  
ASP CA  C    sing N N 58  
ASP CA  CB   sing N N 59  
ASP CA  HA   sing N N 60  
ASP C   O    doub N N 61  
ASP C   OXT  sing N N 62  
ASP CB  CG   sing N N 63  
ASP CB  HB2  sing N N 64  
ASP CB  HB3  sing N N 65  
ASP CG  OD1  doub N N 66  
ASP CG  OD2  sing N N 67  
ASP OD2 HD2  sing N N 68  
ASP OXT HXT  sing N N 69  
CYS N   CA   sing N N 70  
CYS N   H    sing N N 71  
CYS N   H2   sing N N 72  
CYS CA  C    sing N N 73  
CYS CA  CB   sing N N 74  
CYS CA  HA   sing N N 75  
CYS C   O    doub N N 76  
CYS C   OXT  sing N N 77  
CYS CB  SG   sing N N 78  
CYS CB  HB2  sing N N 79  
CYS CB  HB3  sing N N 80  
CYS SG  HG   sing N N 81  
CYS OXT HXT  sing N N 82  
GLN N   CA   sing N N 83  
GLN N   H    sing N N 84  
GLN N   H2   sing N N 85  
GLN CA  C    sing N N 86  
GLN CA  CB   sing N N 87  
GLN CA  HA   sing N N 88  
GLN C   O    doub N N 89  
GLN C   OXT  sing N N 90  
GLN CB  CG   sing N N 91  
GLN CB  HB2  sing N N 92  
GLN CB  HB3  sing N N 93  
GLN CG  CD   sing N N 94  
GLN CG  HG2  sing N N 95  
GLN CG  HG3  sing N N 96  
GLN CD  OE1  doub N N 97  
GLN CD  NE2  sing N N 98  
GLN NE2 HE21 sing N N 99  
GLN NE2 HE22 sing N N 100 
GLN OXT HXT  sing N N 101 
GLU N   CA   sing N N 102 
GLU N   H    sing N N 103 
GLU N   H2   sing N N 104 
GLU CA  C    sing N N 105 
GLU CA  CB   sing N N 106 
GLU CA  HA   sing N N 107 
GLU C   O    doub N N 108 
GLU C   OXT  sing N N 109 
GLU CB  CG   sing N N 110 
GLU CB  HB2  sing N N 111 
GLU CB  HB3  sing N N 112 
GLU CG  CD   sing N N 113 
GLU CG  HG2  sing N N 114 
GLU CG  HG3  sing N N 115 
GLU CD  OE1  doub N N 116 
GLU CD  OE2  sing N N 117 
GLU OE2 HE2  sing N N 118 
GLU OXT HXT  sing N N 119 
GLY N   CA   sing N N 120 
GLY N   H    sing N N 121 
GLY N   H2   sing N N 122 
GLY CA  C    sing N N 123 
GLY CA  HA2  sing N N 124 
GLY CA  HA3  sing N N 125 
GLY C   O    doub N N 126 
GLY C   OXT  sing N N 127 
GLY OXT HXT  sing N N 128 
HIS N   CA   sing N N 129 
HIS N   H    sing N N 130 
HIS N   H2   sing N N 131 
HIS CA  C    sing N N 132 
HIS CA  CB   sing N N 133 
HIS CA  HA   sing N N 134 
HIS C   O    doub N N 135 
HIS C   OXT  sing N N 136 
HIS CB  CG   sing N N 137 
HIS CB  HB2  sing N N 138 
HIS CB  HB3  sing N N 139 
HIS CG  ND1  sing Y N 140 
HIS CG  CD2  doub Y N 141 
HIS ND1 CE1  doub Y N 142 
HIS ND1 HD1  sing N N 143 
HIS CD2 NE2  sing Y N 144 
HIS CD2 HD2  sing N N 145 
HIS CE1 NE2  sing Y N 146 
HIS CE1 HE1  sing N N 147 
HIS NE2 HE2  sing N N 148 
HIS OXT HXT  sing N N 149 
HOH O   H1   sing N N 150 
HOH O   H2   sing N N 151 
ILE N   CA   sing N N 152 
ILE N   H    sing N N 153 
ILE N   H2   sing N N 154 
ILE CA  C    sing N N 155 
ILE CA  CB   sing N N 156 
ILE CA  HA   sing N N 157 
ILE C   O    doub N N 158 
ILE C   OXT  sing N N 159 
ILE CB  CG1  sing N N 160 
ILE CB  CG2  sing N N 161 
ILE CB  HB   sing N N 162 
ILE CG1 CD1  sing N N 163 
ILE CG1 HG12 sing N N 164 
ILE CG1 HG13 sing N N 165 
ILE CG2 HG21 sing N N 166 
ILE CG2 HG22 sing N N 167 
ILE CG2 HG23 sing N N 168 
ILE CD1 HD11 sing N N 169 
ILE CD1 HD12 sing N N 170 
ILE CD1 HD13 sing N N 171 
ILE OXT HXT  sing N N 172 
LEU N   CA   sing N N 173 
LEU N   H    sing N N 174 
LEU N   H2   sing N N 175 
LEU CA  C    sing N N 176 
LEU CA  CB   sing N N 177 
LEU CA  HA   sing N N 178 
LEU C   O    doub N N 179 
LEU C   OXT  sing N N 180 
LEU CB  CG   sing N N 181 
LEU CB  HB2  sing N N 182 
LEU CB  HB3  sing N N 183 
LEU CG  CD1  sing N N 184 
LEU CG  CD2  sing N N 185 
LEU CG  HG   sing N N 186 
LEU CD1 HD11 sing N N 187 
LEU CD1 HD12 sing N N 188 
LEU CD1 HD13 sing N N 189 
LEU CD2 HD21 sing N N 190 
LEU CD2 HD22 sing N N 191 
LEU CD2 HD23 sing N N 192 
LEU OXT HXT  sing N N 193 
LYS N   CA   sing N N 194 
LYS N   H    sing N N 195 
LYS N   H2   sing N N 196 
LYS CA  C    sing N N 197 
LYS CA  CB   sing N N 198 
LYS CA  HA   sing N N 199 
LYS C   O    doub N N 200 
LYS C   OXT  sing N N 201 
LYS CB  CG   sing N N 202 
LYS CB  HB2  sing N N 203 
LYS CB  HB3  sing N N 204 
LYS CG  CD   sing N N 205 
LYS CG  HG2  sing N N 206 
LYS CG  HG3  sing N N 207 
LYS CD  CE   sing N N 208 
LYS CD  HD2  sing N N 209 
LYS CD  HD3  sing N N 210 
LYS CE  NZ   sing N N 211 
LYS CE  HE2  sing N N 212 
LYS CE  HE3  sing N N 213 
LYS NZ  HZ1  sing N N 214 
LYS NZ  HZ2  sing N N 215 
LYS NZ  HZ3  sing N N 216 
LYS OXT HXT  sing N N 217 
PHE N   CA   sing N N 218 
PHE N   H    sing N N 219 
PHE N   H2   sing N N 220 
PHE CA  C    sing N N 221 
PHE CA  CB   sing N N 222 
PHE CA  HA   sing N N 223 
PHE C   O    doub N N 224 
PHE C   OXT  sing N N 225 
PHE CB  CG   sing N N 226 
PHE CB  HB2  sing N N 227 
PHE CB  HB3  sing N N 228 
PHE CG  CD1  doub Y N 229 
PHE CG  CD2  sing Y N 230 
PHE CD1 CE1  sing Y N 231 
PHE CD1 HD1  sing N N 232 
PHE CD2 CE2  doub Y N 233 
PHE CD2 HD2  sing N N 234 
PHE CE1 CZ   doub Y N 235 
PHE CE1 HE1  sing N N 236 
PHE CE2 CZ   sing Y N 237 
PHE CE2 HE2  sing N N 238 
PHE CZ  HZ   sing N N 239 
PHE OXT HXT  sing N N 240 
PRO N   CA   sing N N 241 
PRO N   CD   sing N N 242 
PRO N   H    sing N N 243 
PRO CA  C    sing N N 244 
PRO CA  CB   sing N N 245 
PRO CA  HA   sing N N 246 
PRO C   O    doub N N 247 
PRO C   OXT  sing N N 248 
PRO CB  CG   sing N N 249 
PRO CB  HB2  sing N N 250 
PRO CB  HB3  sing N N 251 
PRO CG  CD   sing N N 252 
PRO CG  HG2  sing N N 253 
PRO CG  HG3  sing N N 254 
PRO CD  HD2  sing N N 255 
PRO CD  HD3  sing N N 256 
PRO OXT HXT  sing N N 257 
SER N   CA   sing N N 258 
SER N   H    sing N N 259 
SER N   H2   sing N N 260 
SER CA  C    sing N N 261 
SER CA  CB   sing N N 262 
SER CA  HA   sing N N 263 
SER C   O    doub N N 264 
SER C   OXT  sing N N 265 
SER CB  OG   sing N N 266 
SER CB  HB2  sing N N 267 
SER CB  HB3  sing N N 268 
SER OG  HG   sing N N 269 
SER OXT HXT  sing N N 270 
TRP N   CA   sing N N 271 
TRP N   H    sing N N 272 
TRP N   H2   sing N N 273 
TRP CA  C    sing N N 274 
TRP CA  CB   sing N N 275 
TRP CA  HA   sing N N 276 
TRP C   O    doub N N 277 
TRP C   OXT  sing N N 278 
TRP CB  CG   sing N N 279 
TRP CB  HB2  sing N N 280 
TRP CB  HB3  sing N N 281 
TRP CG  CD1  doub Y N 282 
TRP CG  CD2  sing Y N 283 
TRP CD1 NE1  sing Y N 284 
TRP CD1 HD1  sing N N 285 
TRP CD2 CE2  doub Y N 286 
TRP CD2 CE3  sing Y N 287 
TRP NE1 CE2  sing Y N 288 
TRP NE1 HE1  sing N N 289 
TRP CE2 CZ2  sing Y N 290 
TRP CE3 CZ3  doub Y N 291 
TRP CE3 HE3  sing N N 292 
TRP CZ2 CH2  doub Y N 293 
TRP CZ2 HZ2  sing N N 294 
TRP CZ3 CH2  sing Y N 295 
TRP CZ3 HZ3  sing N N 296 
TRP CH2 HH2  sing N N 297 
TRP OXT HXT  sing N N 298 
TYR N   CA   sing N N 299 
TYR N   H    sing N N 300 
TYR N   H2   sing N N 301 
TYR CA  C    sing N N 302 
TYR CA  CB   sing N N 303 
TYR CA  HA   sing N N 304 
TYR C   O    doub N N 305 
TYR C   OXT  sing N N 306 
TYR CB  CG   sing N N 307 
TYR CB  HB2  sing N N 308 
TYR CB  HB3  sing N N 309 
TYR CG  CD1  doub Y N 310 
TYR CG  CD2  sing Y N 311 
TYR CD1 CE1  sing Y N 312 
TYR CD1 HD1  sing N N 313 
TYR CD2 CE2  doub Y N 314 
TYR CD2 HD2  sing N N 315 
TYR CE1 CZ   doub Y N 316 
TYR CE1 HE1  sing N N 317 
TYR CE2 CZ   sing Y N 318 
TYR CE2 HE2  sing N N 319 
TYR CZ  OH   sing N N 320 
TYR OH  HH   sing N N 321 
TYR OXT HXT  sing N N 322 
VAL N   CA   sing N N 323 
VAL N   H    sing N N 324 
VAL N   H2   sing N N 325 
VAL CA  C    sing N N 326 
VAL CA  CB   sing N N 327 
VAL CA  HA   sing N N 328 
VAL C   O    doub N N 329 
VAL C   OXT  sing N N 330 
VAL CB  CG1  sing N N 331 
VAL CB  CG2  sing N N 332 
VAL CB  HB   sing N N 333 
VAL CG1 HG11 sing N N 334 
VAL CG1 HG12 sing N N 335 
VAL CG1 HG13 sing N N 336 
VAL CG2 HG21 sing N N 337 
VAL CG2 HG22 sing N N 338 
VAL CG2 HG23 sing N N 339 
VAL OXT HXT  sing N N 340 
# 
loop_
_pdbx_entity_nonpoly.entity_id 
_pdbx_entity_nonpoly.name 
_pdbx_entity_nonpoly.comp_id 
2 'UNKNOWN ATOM OR ION' UNX 
3 water                 HOH 
# 
loop_
_pdbx_initial_refinement_model.id 
_pdbx_initial_refinement_model.entity_id_list 
_pdbx_initial_refinement_model.type 
_pdbx_initial_refinement_model.source_name 
_pdbx_initial_refinement_model.accession_code 
_pdbx_initial_refinement_model.details 
1 ? 'experimental model' PDB 2RHU 'pdb entries 2rhu, 2eqm' 
2 ? 'experimental model' PDB 2EQM 'pdb entries 2rhu, 2eqm' 
# 
